data_3CT2
#
_entry.id   3CT2
#
_cell.length_a   135.928
_cell.length_b   135.928
_cell.length_c   82.968
_cell.angle_alpha   90.00
_cell.angle_beta   90.00
_cell.angle_gamma   90.00
#
_symmetry.space_group_name_H-M   'P 4 21 2'
#
loop_
_entity.id
_entity.type
_entity.pdbx_description
1 polymer 'Muconate cycloisomerase'
2 non-polymer 'MAGNESIUM ION'
3 water water
#
_entity_poly.entity_id   1
_entity_poly.type   'polypeptide(L)'
_entity_poly.pdbx_seq_one_letter_code
;MSLHASAIESIETIIVDLPTIRPHKLAMHTMQNQTLVLIRLRCADGIEGLGESTTIGGLAYGNESPDSIKTNIDRFVAPL
LIGQDASNINAAMLRLEQSIRGNTFAKSGIESALLDAQGKRLGLPVSELLGGRVRDALPVAWTLASGDTAKDIAEAQKML
DLRRHRIFKLKIGAGEVDRDLAHVIAIKKALGDSASVRVDVNQAWDEAVALRACRILGGNGIDLIEQPISRNNRAGMVRL
NASSPAPIMADESIECVEDAFNLAREGAASVFALKIAKNGGPRATLRTAAIAEAAGIGLYGGTMLEGGIGTLASAHAFLT
LNKLSWDTELFGPLLLTEDILAEPPVYRDFHLHVSKAPGLGLSLDEERLAFFRREGHHHHHH
;
_entity_poly.pdbx_strand_id   A,B
#
loop_
_chem_comp.id
_chem_comp.type
_chem_comp.name
_chem_comp.formula
MG non-polymer 'MAGNESIUM ION' 'Mg 2'
#
# COMPACT_ATOMS: atom_id res chain seq x y z
N HIS A 4 31.67 2.78 -19.02
CA HIS A 4 32.25 1.41 -19.03
C HIS A 4 32.55 0.94 -17.61
N ALA A 5 31.93 1.58 -16.63
CA ALA A 5 32.18 1.23 -15.24
C ALA A 5 30.94 0.97 -14.38
N SER A 6 30.46 2.03 -13.72
CA SER A 6 29.32 1.93 -12.81
C SER A 6 27.91 1.94 -13.39
N ALA A 7 27.76 2.24 -14.68
CA ALA A 7 26.43 2.27 -15.28
C ALA A 7 25.73 0.93 -15.07
N ILE A 8 24.46 0.98 -14.67
CA ILE A 8 23.69 -0.23 -14.47
C ILE A 8 23.37 -0.82 -15.83
N GLU A 9 23.77 -2.07 -16.03
CA GLU A 9 23.58 -2.75 -17.30
C GLU A 9 22.31 -3.58 -17.36
N SER A 10 22.01 -4.29 -16.27
CA SER A 10 20.82 -5.12 -16.23
C SER A 10 20.37 -5.39 -14.82
N ILE A 11 19.08 -5.70 -14.67
CA ILE A 11 18.48 -6.01 -13.39
C ILE A 11 17.56 -7.21 -13.64
N GLU A 12 17.90 -8.34 -13.06
CA GLU A 12 17.10 -9.54 -13.21
C GLU A 12 16.43 -9.92 -11.90
N THR A 13 15.14 -10.21 -11.97
CA THR A 13 14.38 -10.62 -10.79
C THR A 13 14.05 -12.09 -10.94
N ILE A 14 14.34 -12.87 -9.91
CA ILE A 14 14.09 -14.30 -9.96
C ILE A 14 13.28 -14.77 -8.76
N ILE A 15 12.18 -15.45 -9.03
CA ILE A 15 11.34 -15.97 -7.96
C ILE A 15 11.86 -17.37 -7.64
N VAL A 16 12.17 -17.60 -6.38
CA VAL A 16 12.69 -18.88 -5.93
C VAL A 16 11.84 -19.47 -4.82
N ASP A 17 11.52 -20.76 -4.94
CA ASP A 17 10.72 -21.44 -3.93
C ASP A 17 11.62 -22.41 -3.19
N LEU A 18 11.80 -22.18 -1.89
CA LEU A 18 12.66 -23.02 -1.07
C LEU A 18 11.91 -23.76 0.02
N PRO A 19 12.26 -25.05 0.25
CA PRO A 19 11.60 -25.84 1.29
C PRO A 19 12.03 -25.37 2.68
N THR A 20 11.13 -25.50 3.65
CA THR A 20 11.43 -25.07 5.02
C THR A 20 11.38 -26.25 5.99
N ILE A 21 11.81 -26.00 7.22
CA ILE A 21 11.81 -27.03 8.25
C ILE A 21 10.41 -27.34 8.77
N ASN A 33 7.33 -24.41 2.53
CA ASN A 33 7.91 -23.69 1.40
C ASN A 33 7.95 -22.17 1.61
N GLN A 34 9.10 -21.58 1.32
CA GLN A 34 9.28 -20.13 1.44
C GLN A 34 9.70 -19.59 0.09
N THR A 35 9.04 -18.53 -0.36
CA THR A 35 9.35 -17.94 -1.64
C THR A 35 10.19 -16.66 -1.50
N LEU A 36 11.28 -16.58 -2.25
CA LEU A 36 12.15 -15.40 -2.20
C LEU A 36 12.18 -14.78 -3.58
N VAL A 37 12.46 -13.48 -3.63
CA VAL A 37 12.58 -12.78 -4.90
C VAL A 37 14.01 -12.28 -4.91
N LEU A 38 14.85 -12.92 -5.71
CA LEU A 38 16.25 -12.55 -5.82
C LEU A 38 16.45 -11.47 -6.88
N ILE A 39 17.25 -10.47 -6.55
CA ILE A 39 17.55 -9.39 -7.48
C ILE A 39 19.02 -9.49 -7.86
N ARG A 40 19.30 -9.58 -9.16
CA ARG A 40 20.68 -9.63 -9.63
C ARG A 40 20.93 -8.36 -10.46
N LEU A 41 21.70 -7.45 -9.88
CA LEU A 41 21.99 -6.19 -10.55
C LEU A 41 23.44 -6.20 -11.05
N ARG A 42 23.62 -6.00 -12.35
CA ARG A 42 24.95 -5.99 -12.94
C ARG A 42 25.33 -4.65 -13.54
N CYS A 43 26.57 -4.24 -13.28
CA CYS A 43 27.08 -2.97 -13.77
C CYS A 43 28.01 -3.15 -14.96
N ALA A 44 28.28 -2.06 -15.66
CA ALA A 44 29.14 -2.08 -16.85
C ALA A 44 30.56 -2.58 -16.55
N ASP A 45 31.00 -2.47 -15.30
CA ASP A 45 32.34 -2.92 -14.94
C ASP A 45 32.38 -4.39 -14.52
N GLY A 46 31.29 -5.11 -14.77
CA GLY A 46 31.23 -6.50 -14.42
C GLY A 46 30.81 -6.83 -13.00
N ILE A 47 30.80 -5.84 -12.11
CA ILE A 47 30.40 -6.07 -10.73
C ILE A 47 28.91 -6.38 -10.60
N GLU A 48 28.58 -7.42 -9.86
CA GLU A 48 27.19 -7.81 -9.64
C GLU A 48 26.77 -7.63 -8.19
N GLY A 49 25.59 -7.06 -8.00
CA GLY A 49 25.07 -6.86 -6.65
C GLY A 49 23.85 -7.74 -6.49
N LEU A 50 23.70 -8.34 -5.31
CA LEU A 50 22.56 -9.20 -5.04
C LEU A 50 21.66 -8.59 -3.99
N GLY A 51 20.36 -8.69 -4.21
CA GLY A 51 19.39 -8.16 -3.27
C GLY A 51 18.26 -9.15 -3.09
N GLU A 52 17.43 -8.94 -2.07
CA GLU A 52 16.33 -9.83 -1.81
C GLU A 52 15.06 -9.11 -1.39
N SER A 53 13.95 -9.44 -2.06
CA SER A 53 12.64 -8.88 -1.73
C SER A 53 11.81 -10.11 -1.40
N THR A 54 11.58 -10.33 -0.11
CA THR A 54 10.82 -11.49 0.32
C THR A 54 9.70 -11.10 1.28
N THR A 55 8.59 -11.81 1.21
CA THR A 55 7.48 -11.54 2.10
C THR A 55 6.95 -12.86 2.63
N ILE A 56 5.82 -12.81 3.33
CA ILE A 56 5.23 -14.02 3.90
C ILE A 56 3.83 -14.29 3.36
N GLY A 57 3.55 -15.55 3.06
CA GLY A 57 2.24 -15.97 2.58
C GLY A 57 1.49 -15.23 1.49
N GLY A 58 2.13 -15.01 0.36
CA GLY A 58 1.47 -14.33 -0.74
C GLY A 58 1.08 -12.88 -0.49
N LEU A 59 -0.21 -12.65 -0.23
CA LEU A 59 -0.70 -11.31 0.05
C LEU A 59 -1.32 -11.19 1.43
N ALA A 60 -1.15 -12.22 2.25
CA ALA A 60 -1.71 -12.22 3.60
C ALA A 60 -0.98 -11.31 4.58
N TYR A 61 0.26 -10.96 4.28
CA TYR A 61 1.06 -10.12 5.18
C TYR A 61 1.54 -8.80 4.59
N GLY A 62 1.06 -8.46 3.40
CA GLY A 62 1.47 -7.22 2.77
C GLY A 62 0.81 -7.12 1.40
N ASN A 63 0.76 -5.92 0.83
CA ASN A 63 0.11 -5.77 -0.47
C ASN A 63 0.98 -6.18 -1.66
N GLU A 64 2.24 -6.51 -1.40
CA GLU A 64 3.15 -6.94 -2.45
C GLU A 64 3.37 -8.44 -2.34
N SER A 65 3.21 -9.16 -3.45
CA SER A 65 3.45 -10.60 -3.44
C SER A 65 4.74 -10.81 -4.21
N PRO A 66 5.37 -12.00 -4.07
CA PRO A 66 6.61 -12.16 -4.83
C PRO A 66 6.33 -11.97 -6.32
N ASP A 67 5.15 -12.40 -6.73
CA ASP A 67 4.75 -12.29 -8.13
C ASP A 67 4.61 -10.84 -8.58
N SER A 68 3.94 -10.00 -7.79
CA SER A 68 3.77 -8.60 -8.19
C SER A 68 5.06 -7.80 -8.00
N ILE A 69 5.92 -8.25 -7.10
CA ILE A 69 7.21 -7.57 -6.91
C ILE A 69 7.99 -7.74 -8.22
N LYS A 70 8.01 -8.95 -8.74
CA LYS A 70 8.73 -9.19 -10.00
C LYS A 70 8.08 -8.38 -11.12
N THR A 71 6.75 -8.35 -11.14
CA THR A 71 6.05 -7.60 -12.19
C THR A 71 6.43 -6.12 -12.17
N ASN A 72 6.30 -5.49 -11.00
CA ASN A 72 6.61 -4.07 -10.91
C ASN A 72 8.09 -3.72 -11.09
N ILE A 73 8.99 -4.59 -10.65
CA ILE A 73 10.40 -4.30 -10.84
C ILE A 73 10.72 -4.38 -12.34
N ASP A 74 10.32 -5.47 -12.98
CA ASP A 74 10.58 -5.64 -14.41
C ASP A 74 9.96 -4.55 -15.28
N ARG A 75 8.72 -4.21 -14.99
CA ARG A 75 7.98 -3.22 -15.78
C ARG A 75 8.25 -1.76 -15.46
N PHE A 76 8.54 -1.44 -14.20
CA PHE A 76 8.75 -0.04 -13.84
C PHE A 76 10.07 0.36 -13.20
N VAL A 77 10.59 -0.48 -12.31
CA VAL A 77 11.86 -0.17 -11.65
C VAL A 77 13.06 -0.27 -12.58
N ALA A 78 13.20 -1.42 -13.24
CA ALA A 78 14.31 -1.67 -14.15
C ALA A 78 14.52 -0.57 -15.19
N PRO A 79 13.46 -0.21 -15.94
CA PRO A 79 13.57 0.84 -16.96
C PRO A 79 14.10 2.16 -16.41
N LEU A 80 13.80 2.45 -15.15
CA LEU A 80 14.24 3.69 -14.53
C LEU A 80 15.71 3.66 -14.14
N LEU A 81 16.22 2.48 -13.83
CA LEU A 81 17.60 2.35 -13.39
C LEU A 81 18.64 1.90 -14.42
N ILE A 82 18.21 1.15 -15.43
CA ILE A 82 19.17 0.71 -16.44
C ILE A 82 19.81 1.96 -17.06
N GLY A 83 21.13 2.00 -17.04
CA GLY A 83 21.83 3.15 -17.60
C GLY A 83 22.25 4.17 -16.56
N GLN A 84 21.70 4.07 -15.36
CA GLN A 84 22.03 5.00 -14.28
C GLN A 84 23.32 4.57 -13.56
N ASP A 85 24.00 5.53 -12.95
CA ASP A 85 25.23 5.27 -12.22
C ASP A 85 24.93 4.52 -10.92
N ALA A 86 25.33 3.26 -10.86
CA ALA A 86 25.08 2.43 -9.68
C ALA A 86 25.84 2.89 -8.44
N SER A 87 26.86 3.71 -8.61
CA SER A 87 27.66 4.18 -7.48
C SER A 87 27.01 5.31 -6.68
N ASN A 88 25.95 5.91 -7.22
CA ASN A 88 25.25 6.97 -6.49
C ASN A 88 23.91 6.37 -6.09
N ILE A 89 23.90 5.71 -4.94
CA ILE A 89 22.71 5.05 -4.45
C ILE A 89 21.60 5.99 -4.03
N ASN A 90 21.95 7.11 -3.41
CA ASN A 90 20.95 8.08 -2.98
C ASN A 90 20.17 8.60 -4.20
N ALA A 91 20.90 8.96 -5.25
CA ALA A 91 20.27 9.47 -6.46
C ALA A 91 19.37 8.43 -7.12
N ALA A 92 19.86 7.19 -7.18
CA ALA A 92 19.10 6.10 -7.79
C ALA A 92 17.79 5.84 -7.04
N MET A 93 17.86 5.80 -5.71
CA MET A 93 16.67 5.54 -4.92
C MET A 93 15.69 6.70 -4.93
N LEU A 94 16.19 7.93 -5.05
CA LEU A 94 15.30 9.09 -5.10
C LEU A 94 14.65 9.13 -6.48
N ARG A 95 15.37 8.66 -7.49
CA ARG A 95 14.85 8.61 -8.86
C ARG A 95 13.65 7.67 -8.85
N LEU A 96 13.76 6.59 -8.08
CA LEU A 96 12.68 5.62 -7.94
C LEU A 96 11.50 6.24 -7.18
N GLU A 97 11.82 6.94 -6.10
CA GLU A 97 10.79 7.55 -5.26
C GLU A 97 9.97 8.61 -6.01
N GLN A 98 10.58 9.22 -7.02
CA GLN A 98 9.90 10.24 -7.82
C GLN A 98 8.80 9.69 -8.70
N SER A 99 8.97 8.45 -9.16
CA SER A 99 8.00 7.83 -10.06
C SER A 99 7.26 6.62 -9.51
N ILE A 100 7.68 6.11 -8.35
CA ILE A 100 7.05 4.92 -7.80
C ILE A 100 6.54 5.08 -6.38
N ARG A 101 5.22 4.92 -6.22
CA ARG A 101 4.57 5.01 -4.92
C ARG A 101 4.56 3.63 -4.26
N GLY A 102 4.82 3.59 -2.95
CA GLY A 102 4.82 2.32 -2.24
C GLY A 102 5.87 1.36 -2.80
N ASN A 103 5.51 0.08 -2.91
CA ASN A 103 6.43 -0.93 -3.42
C ASN A 103 7.74 -0.94 -2.64
N THR A 104 7.63 -0.84 -1.32
CA THR A 104 8.81 -0.81 -0.46
C THR A 104 9.59 -2.13 -0.47
N PHE A 105 8.89 -3.25 -0.59
CA PHE A 105 9.56 -4.55 -0.63
C PHE A 105 10.48 -4.61 -1.84
N ALA A 106 9.97 -4.15 -2.98
CA ALA A 106 10.76 -4.13 -4.21
C ALA A 106 11.93 -3.15 -4.09
N LYS A 107 11.66 -1.96 -3.56
CA LYS A 107 12.71 -0.96 -3.38
C LYS A 107 13.81 -1.47 -2.43
N SER A 108 13.41 -2.22 -1.41
CA SER A 108 14.37 -2.76 -0.45
C SER A 108 15.34 -3.72 -1.14
N GLY A 109 14.80 -4.59 -1.99
CA GLY A 109 15.64 -5.55 -2.70
C GLY A 109 16.60 -4.83 -3.63
N ILE A 110 16.10 -3.81 -4.31
CA ILE A 110 16.93 -3.04 -5.23
C ILE A 110 18.07 -2.32 -4.50
N GLU A 111 17.76 -1.65 -3.40
CA GLU A 111 18.80 -0.93 -2.69
C GLU A 111 19.83 -1.90 -2.11
N SER A 112 19.36 -3.06 -1.66
CA SER A 112 20.28 -4.05 -1.10
C SER A 112 21.29 -4.44 -2.18
N ALA A 113 20.81 -4.67 -3.39
CA ALA A 113 21.66 -5.04 -4.52
C ALA A 113 22.67 -3.93 -4.82
N LEU A 114 22.20 -2.68 -4.81
CA LEU A 114 23.08 -1.54 -5.07
C LEU A 114 24.16 -1.43 -4.00
N LEU A 115 23.78 -1.68 -2.75
CA LEU A 115 24.72 -1.60 -1.63
C LEU A 115 25.75 -2.72 -1.74
N ASP A 116 25.30 -3.92 -2.07
CA ASP A 116 26.18 -5.05 -2.22
C ASP A 116 27.21 -4.75 -3.32
N ALA A 117 26.73 -4.23 -4.45
CA ALA A 117 27.60 -3.90 -5.57
C ALA A 117 28.60 -2.80 -5.24
N GLN A 118 28.13 -1.74 -4.58
CA GLN A 118 28.99 -0.63 -4.22
C GLN A 118 30.02 -1.08 -3.18
N GLY A 119 29.62 -2.02 -2.33
CA GLY A 119 30.52 -2.54 -1.32
C GLY A 119 31.65 -3.28 -2.02
N LYS A 120 31.29 -4.10 -2.99
CA LYS A 120 32.29 -4.85 -3.75
C LYS A 120 33.19 -3.89 -4.52
N ARG A 121 32.57 -2.86 -5.10
CA ARG A 121 33.29 -1.85 -5.87
C ARG A 121 34.34 -1.11 -5.04
N LEU A 122 34.03 -0.82 -3.77
CA LEU A 122 34.95 -0.10 -2.91
C LEU A 122 35.75 -1.02 -2.00
N GLY A 123 35.39 -2.30 -1.99
CA GLY A 123 36.08 -3.27 -1.15
C GLY A 123 35.74 -3.07 0.32
N LEU A 124 34.51 -2.68 0.59
CA LEU A 124 34.05 -2.42 1.96
C LEU A 124 32.74 -3.13 2.24
N PRO A 125 32.53 -3.58 3.49
CA PRO A 125 31.27 -4.25 3.81
C PRO A 125 30.16 -3.20 3.79
N VAL A 126 28.91 -3.62 3.60
CA VAL A 126 27.80 -2.68 3.55
C VAL A 126 27.70 -1.86 4.83
N SER A 127 28.00 -2.48 5.96
CA SER A 127 27.95 -1.78 7.24
C SER A 127 28.85 -0.55 7.21
N GLU A 128 29.98 -0.63 6.50
CA GLU A 128 30.88 0.51 6.42
C GLU A 128 30.34 1.58 5.47
N LEU A 129 29.70 1.14 4.39
CA LEU A 129 29.13 2.10 3.44
C LEU A 129 28.09 2.91 4.18
N LEU A 130 27.43 2.27 5.14
CA LEU A 130 26.38 2.93 5.91
C LEU A 130 26.92 3.75 7.07
N GLY A 131 28.24 3.90 7.16
CA GLY A 131 28.80 4.70 8.23
C GLY A 131 29.79 4.01 9.15
N GLY A 132 29.66 2.70 9.32
CA GLY A 132 30.58 1.99 10.19
C GLY A 132 29.87 1.23 11.29
N ARG A 133 30.30 -0.02 11.50
CA ARG A 133 29.70 -0.86 12.52
C ARG A 133 30.21 -0.49 13.92
N VAL A 134 29.40 -0.80 14.94
CA VAL A 134 29.79 -0.56 16.32
C VAL A 134 29.76 -1.90 17.04
N ARG A 135 29.46 -2.95 16.28
CA ARG A 135 29.41 -4.32 16.79
C ARG A 135 29.58 -5.26 15.60
N ASP A 136 29.96 -6.51 15.86
CA ASP A 136 30.15 -7.51 14.81
C ASP A 136 29.10 -8.61 14.89
N ALA A 137 28.37 -8.65 15.99
CA ALA A 137 27.37 -9.68 16.18
C ALA A 137 26.05 -9.10 16.63
N LEU A 138 24.96 -9.81 16.33
CA LEU A 138 23.63 -9.36 16.68
C LEU A 138 22.87 -10.49 17.36
N PRO A 139 22.26 -10.22 18.52
CA PRO A 139 21.50 -11.27 19.21
C PRO A 139 20.29 -11.64 18.34
N VAL A 140 19.99 -12.93 18.27
CA VAL A 140 18.88 -13.39 17.43
C VAL A 140 17.84 -14.17 18.20
N ALA A 141 16.61 -13.68 18.20
CA ALA A 141 15.50 -14.34 18.90
C ALA A 141 15.01 -15.50 18.04
N TRP A 142 14.05 -16.25 18.56
CA TRP A 142 13.51 -17.40 17.84
C TRP A 142 12.01 -17.55 18.07
N THR A 143 11.26 -17.72 16.99
CA THR A 143 9.82 -17.87 17.10
C THR A 143 9.46 -19.34 17.34
N LEU A 144 8.69 -19.60 18.38
CA LEU A 144 8.24 -20.96 18.70
C LEU A 144 6.88 -21.08 18.02
N ALA A 145 6.80 -21.89 16.96
CA ALA A 145 5.55 -21.99 16.19
C ALA A 145 4.85 -23.35 16.13
N SER A 146 5.12 -24.24 17.07
CA SER A 146 4.48 -25.55 17.04
C SER A 146 2.99 -25.45 17.38
N GLY A 147 2.63 -24.41 18.12
CA GLY A 147 1.23 -24.25 18.50
C GLY A 147 0.93 -25.11 19.71
N ASP A 148 1.89 -25.96 20.08
CA ASP A 148 1.74 -26.84 21.23
C ASP A 148 2.61 -26.36 22.38
N THR A 149 2.01 -26.11 23.53
CA THR A 149 2.74 -25.62 24.68
C THR A 149 3.93 -26.50 25.07
N ALA A 150 3.69 -27.80 25.20
CA ALA A 150 4.76 -28.73 25.57
C ALA A 150 5.88 -28.73 24.54
N LYS A 151 5.52 -28.78 23.26
CA LYS A 151 6.50 -28.77 22.19
C LYS A 151 7.34 -27.50 22.18
N ASP A 152 6.69 -26.36 22.41
CA ASP A 152 7.39 -25.07 22.42
C ASP A 152 8.40 -25.00 23.56
N ILE A 153 8.00 -25.48 24.74
CA ILE A 153 8.90 -25.46 25.89
C ILE A 153 10.11 -26.32 25.61
N ALA A 154 9.89 -27.50 25.06
CA ALA A 154 10.98 -28.42 24.75
C ALA A 154 11.93 -27.82 23.70
N GLU A 155 11.37 -27.19 22.68
CA GLU A 155 12.17 -26.58 21.63
C GLU A 155 12.99 -25.42 22.20
N ALA A 156 12.37 -24.64 23.07
CA ALA A 156 13.05 -23.50 23.68
C ALA A 156 14.23 -23.99 24.52
N GLN A 157 14.00 -25.03 25.33
CA GLN A 157 15.06 -25.57 26.17
C GLN A 157 16.17 -26.12 25.29
N LYS A 158 15.80 -26.65 24.12
CA LYS A 158 16.76 -27.19 23.18
C LYS A 158 17.65 -26.08 22.61
N MET A 159 17.02 -24.97 22.21
CA MET A 159 17.78 -23.86 21.66
C MET A 159 18.68 -23.24 22.72
N LEU A 160 18.24 -23.28 23.97
CA LEU A 160 19.05 -22.75 25.06
C LEU A 160 20.26 -23.65 25.28
N ASP A 161 20.03 -24.96 25.31
CA ASP A 161 21.12 -25.91 25.52
C ASP A 161 22.18 -25.83 24.42
N LEU A 162 21.74 -25.62 23.19
CA LEU A 162 22.66 -25.52 22.06
C LEU A 162 23.25 -24.11 21.97
N ARG A 163 22.83 -23.24 22.88
CA ARG A 163 23.29 -21.85 22.90
C ARG A 163 22.99 -21.17 21.57
N ARG A 164 21.82 -21.48 21.00
CA ARG A 164 21.40 -20.89 19.74
C ARG A 164 20.51 -19.68 19.96
N HIS A 165 19.55 -19.80 20.88
CA HIS A 165 18.63 -18.70 21.17
C HIS A 165 18.24 -18.66 22.65
N ARG A 166 18.00 -17.45 23.16
CA ARG A 166 17.60 -17.26 24.55
C ARG A 166 16.48 -16.25 24.64
N ILE A 167 15.98 -15.83 23.48
CA ILE A 167 14.87 -14.88 23.39
C ILE A 167 13.87 -15.58 22.49
N PHE A 168 12.63 -15.71 22.96
CA PHE A 168 11.61 -16.41 22.20
C PHE A 168 10.37 -15.58 21.95
N LYS A 169 9.83 -15.72 20.75
CA LYS A 169 8.66 -14.99 20.32
C LYS A 169 7.51 -15.95 20.06
N LEU A 170 6.34 -15.63 20.58
CA LEU A 170 5.16 -16.46 20.37
C LEU A 170 4.10 -15.68 19.60
N LYS A 171 3.60 -16.29 18.54
CA LYS A 171 2.56 -15.66 17.73
C LYS A 171 1.21 -16.08 18.31
N ILE A 172 0.39 -15.10 18.68
CA ILE A 172 -0.92 -15.38 19.25
C ILE A 172 -1.98 -14.48 18.60
N GLY A 173 -3.24 -14.67 18.99
CA GLY A 173 -4.30 -13.85 18.45
C GLY A 173 -5.30 -14.58 17.58
N ALA A 174 -4.91 -15.73 17.04
CA ALA A 174 -5.80 -16.52 16.19
C ALA A 174 -6.76 -17.37 17.01
N GLY A 175 -6.36 -17.78 18.20
CA GLY A 175 -7.21 -18.61 19.02
C GLY A 175 -7.99 -17.82 20.06
N GLU A 176 -8.66 -18.54 20.95
CA GLU A 176 -9.43 -17.91 22.02
C GLU A 176 -8.41 -17.18 22.89
N VAL A 177 -8.70 -15.93 23.23
CA VAL A 177 -7.78 -15.12 24.02
C VAL A 177 -7.20 -15.78 25.28
N ASP A 178 -8.06 -16.29 26.16
CA ASP A 178 -7.57 -16.91 27.37
C ASP A 178 -6.69 -18.13 27.13
N ARG A 179 -6.94 -18.85 26.04
CA ARG A 179 -6.12 -20.02 25.72
C ARG A 179 -4.74 -19.57 25.23
N ASP A 180 -4.72 -18.51 24.44
CA ASP A 180 -3.44 -18.00 23.93
C ASP A 180 -2.61 -17.49 25.10
N LEU A 181 -3.26 -16.76 26.02
CA LEU A 181 -2.56 -16.22 27.18
C LEU A 181 -2.00 -17.31 28.06
N ALA A 182 -2.79 -18.35 28.30
CA ALA A 182 -2.35 -19.47 29.13
C ALA A 182 -1.13 -20.14 28.50
N HIS A 183 -1.18 -20.27 27.17
CA HIS A 183 -0.12 -20.88 26.39
C HIS A 183 1.22 -20.15 26.59
N VAL A 184 1.21 -18.84 26.33
CA VAL A 184 2.41 -18.03 26.48
C VAL A 184 2.92 -17.96 27.92
N ILE A 185 2.00 -17.77 28.86
CA ILE A 185 2.37 -17.69 30.26
C ILE A 185 2.99 -18.99 30.77
N ALA A 186 2.48 -20.12 30.29
CA ALA A 186 3.00 -21.43 30.69
C ALA A 186 4.42 -21.61 30.17
N ILE A 187 4.69 -21.08 28.98
CA ILE A 187 6.02 -21.19 28.39
C ILE A 187 7.02 -20.37 29.20
N LYS A 188 6.64 -19.14 29.56
CA LYS A 188 7.52 -18.29 30.34
C LYS A 188 7.76 -18.89 31.73
N LYS A 189 6.71 -19.43 32.33
CA LYS A 189 6.82 -20.02 33.66
C LYS A 189 7.81 -21.17 33.65
N ALA A 190 7.80 -21.98 32.59
CA ALA A 190 8.70 -23.11 32.48
C ALA A 190 10.15 -22.68 32.27
N LEU A 191 10.35 -21.61 31.51
CA LEU A 191 11.70 -21.13 31.23
C LEU A 191 12.24 -20.22 32.33
N GLY A 192 11.34 -19.55 33.04
CA GLY A 192 11.77 -18.66 34.11
C GLY A 192 12.71 -17.59 33.58
N ASP A 193 13.69 -17.19 34.40
CA ASP A 193 14.61 -16.15 33.99
C ASP A 193 15.71 -16.63 33.03
N SER A 194 15.60 -17.85 32.54
CA SER A 194 16.60 -18.38 31.62
C SER A 194 16.41 -17.79 30.22
N ALA A 195 15.26 -17.17 29.98
CA ALA A 195 14.99 -16.60 28.67
C ALA A 195 14.01 -15.44 28.69
N SER A 196 14.00 -14.68 27.61
CA SER A 196 13.07 -13.56 27.46
C SER A 196 11.96 -14.08 26.55
N VAL A 197 10.70 -13.89 26.97
CA VAL A 197 9.56 -14.33 26.18
C VAL A 197 8.74 -13.13 25.73
N ARG A 198 8.50 -13.04 24.43
CA ARG A 198 7.72 -11.94 23.86
C ARG A 198 6.59 -12.51 23.02
N VAL A 199 5.62 -11.68 22.67
CA VAL A 199 4.52 -12.13 21.83
C VAL A 199 4.31 -11.18 20.66
N ASP A 200 3.71 -11.70 19.60
CA ASP A 200 3.38 -10.90 18.43
C ASP A 200 1.93 -11.27 18.16
N VAL A 201 1.04 -10.28 18.21
CA VAL A 201 -0.38 -10.54 18.00
C VAL A 201 -0.79 -10.30 16.54
N ASN A 202 0.13 -9.77 15.75
CA ASN A 202 -0.11 -9.48 14.34
C ASN A 202 -1.44 -8.77 14.06
N GLN A 203 -1.73 -7.76 14.88
CA GLN A 203 -2.95 -6.95 14.73
C GLN A 203 -4.25 -7.66 15.04
N ALA A 204 -4.16 -8.92 15.47
CA ALA A 204 -5.35 -9.74 15.72
C ALA A 204 -6.41 -9.28 16.71
N TRP A 205 -6.02 -8.65 17.81
CA TRP A 205 -6.98 -8.23 18.82
C TRP A 205 -7.67 -6.89 18.61
N ASP A 206 -8.87 -6.77 19.18
CA ASP A 206 -9.60 -5.50 19.18
C ASP A 206 -9.09 -4.87 20.46
N GLU A 207 -9.12 -3.54 20.55
CA GLU A 207 -8.66 -2.84 21.75
C GLU A 207 -9.40 -3.37 23.00
N ALA A 208 -10.68 -3.72 22.84
CA ALA A 208 -11.49 -4.22 23.95
C ALA A 208 -10.86 -5.45 24.59
N VAL A 209 -10.22 -6.28 23.76
CA VAL A 209 -9.57 -7.50 24.25
C VAL A 209 -8.14 -7.20 24.72
N ALA A 210 -7.43 -6.39 23.94
CA ALA A 210 -6.04 -6.05 24.26
C ALA A 210 -5.87 -5.32 25.59
N LEU A 211 -6.79 -4.42 25.92
CA LEU A 211 -6.67 -3.67 27.16
C LEU A 211 -6.61 -4.58 28.38
N ARG A 212 -7.23 -5.75 28.29
CA ARG A 212 -7.21 -6.70 29.41
C ARG A 212 -6.05 -7.67 29.26
N ALA A 213 -5.86 -8.18 28.04
CA ALA A 213 -4.80 -9.14 27.76
C ALA A 213 -3.39 -8.60 28.00
N CYS A 214 -3.14 -7.35 27.66
CA CYS A 214 -1.82 -6.78 27.87
C CYS A 214 -1.49 -6.72 29.36
N ARG A 215 -2.50 -6.41 30.19
CA ARG A 215 -2.28 -6.35 31.62
C ARG A 215 -1.93 -7.73 32.17
N ILE A 216 -2.60 -8.75 31.64
CA ILE A 216 -2.33 -10.12 32.09
C ILE A 216 -0.94 -10.58 31.69
N LEU A 217 -0.56 -10.34 30.44
CA LEU A 217 0.77 -10.74 29.96
C LEU A 217 1.87 -9.99 30.70
N GLY A 218 1.67 -8.69 30.90
CA GLY A 218 2.66 -7.89 31.59
C GLY A 218 2.85 -8.32 33.04
N GLY A 219 1.77 -8.79 33.66
CA GLY A 219 1.87 -9.22 35.04
C GLY A 219 2.38 -10.64 35.15
N ASN A 220 2.62 -11.28 34.02
CA ASN A 220 3.09 -12.66 34.02
C ASN A 220 4.42 -12.93 33.31
N GLY A 221 5.31 -11.95 33.31
CA GLY A 221 6.62 -12.15 32.72
C GLY A 221 6.84 -12.03 31.23
N ILE A 222 5.85 -11.51 30.50
CA ILE A 222 6.02 -11.34 29.05
C ILE A 222 6.69 -9.97 28.90
N ASP A 223 7.85 -9.95 28.24
CA ASP A 223 8.63 -8.72 28.10
C ASP A 223 8.25 -7.70 27.04
N LEU A 224 7.53 -8.14 26.02
CA LEU A 224 7.16 -7.22 24.95
C LEU A 224 5.91 -7.71 24.23
N ILE A 225 5.03 -6.78 23.87
CA ILE A 225 3.80 -7.12 23.15
C ILE A 225 3.83 -6.40 21.81
N GLU A 226 4.06 -7.17 20.76
CA GLU A 226 4.17 -6.64 19.41
C GLU A 226 2.83 -6.51 18.69
N GLN A 227 2.57 -5.29 18.19
CA GLN A 227 1.36 -4.95 17.44
C GLN A 227 0.10 -5.69 17.89
N PRO A 228 -0.37 -5.43 19.12
CA PRO A 228 -1.57 -6.10 19.63
C PRO A 228 -2.86 -5.85 18.84
N ILE A 229 -3.00 -4.65 18.30
CA ILE A 229 -4.22 -4.32 17.56
C ILE A 229 -3.92 -3.76 16.18
N SER A 230 -4.98 -3.51 15.42
CA SER A 230 -4.85 -2.99 14.07
C SER A 230 -4.13 -1.66 14.00
N ARG A 231 -3.30 -1.51 12.97
CA ARG A 231 -2.56 -0.26 12.74
C ARG A 231 -3.56 0.87 12.48
N ASN A 232 -4.80 0.49 12.14
CA ASN A 232 -5.86 1.47 11.87
C ASN A 232 -6.45 2.09 13.14
N ASN A 233 -6.30 1.41 14.27
CA ASN A 233 -6.84 1.96 15.52
C ASN A 233 -5.71 2.80 16.13
N ARG A 234 -5.45 3.94 15.51
CA ARG A 234 -4.38 4.83 15.94
C ARG A 234 -4.53 5.32 17.37
N ALA A 235 -5.72 5.80 17.71
CA ALA A 235 -5.98 6.31 19.05
C ALA A 235 -5.87 5.17 20.05
N GLY A 236 -6.29 3.97 19.64
CA GLY A 236 -6.23 2.81 20.50
C GLY A 236 -4.83 2.38 20.88
N MET A 237 -3.91 2.42 19.93
CA MET A 237 -2.54 2.04 20.23
C MET A 237 -1.97 3.00 21.28
N VAL A 238 -2.30 4.29 21.17
CA VAL A 238 -1.82 5.26 22.14
C VAL A 238 -2.40 4.93 23.52
N ARG A 239 -3.69 4.65 23.58
CA ARG A 239 -4.32 4.33 24.86
C ARG A 239 -3.73 3.08 25.49
N LEU A 240 -3.42 2.07 24.68
CA LEU A 240 -2.85 0.83 25.21
C LEU A 240 -1.45 1.03 25.78
N ASN A 241 -0.71 1.99 25.24
CA ASN A 241 0.63 2.25 25.76
C ASN A 241 0.54 2.72 27.22
N ALA A 242 -0.57 3.39 27.54
CA ALA A 242 -0.77 3.89 28.89
C ALA A 242 -1.27 2.83 29.86
N SER A 243 -2.14 1.94 29.39
CA SER A 243 -2.69 0.91 30.25
C SER A 243 -1.84 -0.36 30.36
N SER A 244 -1.02 -0.63 29.34
CA SER A 244 -0.19 -1.83 29.38
C SER A 244 1.05 -1.67 30.25
N PRO A 245 1.25 -2.58 31.20
CA PRO A 245 2.42 -2.53 32.09
C PRO A 245 3.64 -3.09 31.36
N ALA A 246 3.40 -3.65 30.18
CA ALA A 246 4.47 -4.21 29.34
C ALA A 246 4.59 -3.30 28.11
N PRO A 247 5.81 -3.08 27.62
CA PRO A 247 5.98 -2.23 26.44
C PRO A 247 5.34 -2.78 25.17
N ILE A 248 4.80 -1.89 24.37
CA ILE A 248 4.14 -2.25 23.11
C ILE A 248 5.08 -1.91 21.94
N MET A 249 5.23 -2.84 21.01
CA MET A 249 6.09 -2.60 19.84
C MET A 249 5.26 -2.47 18.57
N ALA A 250 5.58 -1.47 17.75
CA ALA A 250 4.88 -1.25 16.49
C ALA A 250 5.62 -2.02 15.39
N ASP A 251 4.87 -2.75 14.58
CA ASP A 251 5.42 -3.49 13.45
C ASP A 251 4.61 -3.12 12.21
N GLU A 252 3.44 -3.73 12.05
CA GLU A 252 2.59 -3.43 10.89
C GLU A 252 2.22 -1.93 10.81
N SER A 253 2.22 -1.24 11.96
CA SER A 253 1.90 0.18 11.95
C SER A 253 2.94 0.98 11.15
N ILE A 254 4.12 0.40 10.95
CA ILE A 254 5.16 1.07 10.16
C ILE A 254 5.21 0.50 8.75
N GLU A 255 4.76 1.30 7.77
CA GLU A 255 4.78 0.89 6.37
C GLU A 255 5.61 1.87 5.53
N CYS A 256 6.23 2.83 6.20
CA CYS A 256 7.10 3.81 5.56
C CYS A 256 7.74 4.64 6.66
N VAL A 257 8.81 5.35 6.32
CA VAL A 257 9.52 6.17 7.29
C VAL A 257 8.60 7.20 7.95
N GLU A 258 7.71 7.80 7.17
CA GLU A 258 6.80 8.81 7.72
C GLU A 258 5.89 8.23 8.80
N ASP A 259 5.52 6.96 8.67
CA ASP A 259 4.67 6.33 9.68
C ASP A 259 5.42 6.35 11.00
N ALA A 260 6.72 6.12 10.94
CA ALA A 260 7.54 6.11 12.14
C ALA A 260 7.43 7.44 12.86
N PHE A 261 7.54 8.54 12.12
CA PHE A 261 7.42 9.83 12.76
C PHE A 261 6.04 10.03 13.39
N ASN A 262 4.98 9.73 12.64
CA ASN A 262 3.65 9.92 13.16
C ASN A 262 3.39 9.06 14.40
N LEU A 263 3.88 7.83 14.40
CA LEU A 263 3.71 6.96 15.57
C LEU A 263 4.43 7.56 16.78
N ALA A 264 5.63 8.07 16.57
CA ALA A 264 6.39 8.67 17.66
C ALA A 264 5.68 9.94 18.15
N ARG A 265 5.16 10.73 17.23
CA ARG A 265 4.44 11.96 17.59
C ARG A 265 3.23 11.64 18.47
N GLU A 266 2.47 10.64 18.06
CA GLU A 266 1.26 10.27 18.79
C GLU A 266 1.52 9.51 20.09
N GLY A 267 2.64 8.78 20.14
CA GLY A 267 2.95 7.98 21.31
C GLY A 267 2.27 6.63 21.17
N ALA A 268 2.32 6.06 19.97
CA ALA A 268 1.66 4.78 19.68
C ALA A 268 2.40 3.52 20.09
N ALA A 269 3.69 3.64 20.37
CA ALA A 269 4.49 2.49 20.78
C ALA A 269 5.80 2.96 21.38
N SER A 270 6.36 2.18 22.32
CA SER A 270 7.62 2.57 22.97
C SER A 270 8.81 1.84 22.34
N VAL A 271 8.52 0.94 21.40
CA VAL A 271 9.55 0.20 20.68
C VAL A 271 9.10 0.06 19.22
N PHE A 272 10.03 0.20 18.28
CA PHE A 272 9.72 0.07 16.86
C PHE A 272 10.48 -1.11 16.25
N ALA A 273 9.79 -1.92 15.46
CA ALA A 273 10.45 -3.03 14.78
C ALA A 273 11.01 -2.36 13.52
N LEU A 274 12.22 -2.75 13.14
CA LEU A 274 12.87 -2.19 11.95
C LEU A 274 12.96 -3.28 10.88
N LYS A 275 12.22 -3.09 9.80
CA LYS A 275 12.23 -4.07 8.71
C LYS A 275 12.57 -3.36 7.41
N ILE A 276 13.65 -3.77 6.76
CA ILE A 276 14.03 -3.10 5.52
C ILE A 276 12.93 -3.20 4.47
N ALA A 277 12.20 -4.31 4.45
CA ALA A 277 11.13 -4.47 3.47
C ALA A 277 10.00 -3.45 3.64
N LYS A 278 9.69 -3.10 4.88
CA LYS A 278 8.60 -2.16 5.18
C LYS A 278 8.98 -0.69 4.97
N ASN A 279 10.26 -0.39 5.07
CA ASN A 279 10.73 0.98 4.91
C ASN A 279 11.27 1.31 3.51
N GLY A 280 11.68 0.27 2.78
CA GLY A 280 12.21 0.48 1.44
C GLY A 280 13.71 0.34 1.34
N GLY A 281 14.31 -0.48 2.20
CA GLY A 281 15.75 -0.68 2.13
C GLY A 281 16.50 -0.33 3.39
N PRO A 282 17.77 -0.75 3.51
CA PRO A 282 18.59 -0.46 4.69
C PRO A 282 18.68 1.04 5.01
N ARG A 283 18.89 1.85 3.98
CA ARG A 283 19.02 3.30 4.20
C ARG A 283 17.75 3.93 4.77
N ALA A 284 16.60 3.61 4.19
CA ALA A 284 15.33 4.14 4.67
C ALA A 284 15.10 3.64 6.10
N THR A 285 15.48 2.40 6.35
CA THR A 285 15.31 1.82 7.69
C THR A 285 16.14 2.56 8.72
N LEU A 286 17.31 3.04 8.32
CA LEU A 286 18.15 3.78 9.25
C LEU A 286 17.56 5.17 9.53
N ARG A 287 16.76 5.70 8.60
CA ARG A 287 16.13 6.99 8.87
C ARG A 287 15.02 6.75 9.88
N THR A 288 14.31 5.63 9.73
CA THR A 288 13.26 5.29 10.68
C THR A 288 13.89 5.12 12.06
N ALA A 289 15.05 4.48 12.11
CA ALA A 289 15.77 4.27 13.36
C ALA A 289 16.17 5.62 13.96
N ALA A 290 16.60 6.54 13.11
CA ALA A 290 17.01 7.87 13.59
C ALA A 290 15.84 8.59 14.23
N ILE A 291 14.65 8.44 13.64
CA ILE A 291 13.47 9.09 14.18
C ILE A 291 13.13 8.46 15.53
N ALA A 292 13.17 7.13 15.58
CA ALA A 292 12.87 6.44 16.84
C ALA A 292 13.84 6.86 17.93
N GLU A 293 15.13 6.87 17.63
CA GLU A 293 16.15 7.25 18.61
C GLU A 293 15.93 8.68 19.12
N ALA A 294 15.62 9.60 18.20
CA ALA A 294 15.40 10.99 18.58
C ALA A 294 14.17 11.13 19.48
N ALA A 295 13.26 10.17 19.40
CA ALA A 295 12.04 10.20 20.20
C ALA A 295 12.16 9.37 21.48
N GLY A 296 13.31 8.73 21.67
CA GLY A 296 13.51 7.91 22.86
C GLY A 296 12.83 6.55 22.77
N ILE A 297 12.53 6.13 21.54
CA ILE A 297 11.86 4.86 21.28
C ILE A 297 12.89 3.74 21.04
N GLY A 298 12.65 2.59 21.67
CA GLY A 298 13.56 1.45 21.54
C GLY A 298 13.56 0.81 20.16
N LEU A 299 14.64 0.12 19.83
CA LEU A 299 14.75 -0.51 18.52
C LEU A 299 14.83 -2.03 18.56
N TYR A 300 14.30 -2.65 17.51
CA TYR A 300 14.27 -4.11 17.35
C TYR A 300 14.56 -4.42 15.88
N GLY A 301 15.46 -5.38 15.64
CA GLY A 301 15.79 -5.74 14.27
C GLY A 301 14.78 -6.76 13.78
N GLY A 302 13.84 -6.33 12.94
CA GLY A 302 12.82 -7.24 12.44
C GLY A 302 13.11 -7.93 11.13
N THR A 303 12.27 -8.90 10.79
CA THR A 303 12.46 -9.64 9.55
C THR A 303 11.11 -10.02 8.92
N MET A 304 11.14 -10.29 7.62
CA MET A 304 9.96 -10.74 6.90
C MET A 304 10.33 -12.17 6.46
N LEU A 305 11.20 -12.80 7.24
CA LEU A 305 11.67 -14.16 7.00
C LEU A 305 12.53 -14.27 5.75
N GLU A 306 13.35 -13.27 5.50
CA GLU A 306 14.24 -13.27 4.35
C GLU A 306 15.28 -14.37 4.48
N GLY A 307 15.85 -14.76 3.33
CA GLY A 307 16.89 -15.77 3.33
C GLY A 307 18.19 -15.05 3.70
N GLY A 308 19.33 -15.66 3.39
CA GLY A 308 20.61 -15.05 3.73
C GLY A 308 20.87 -13.65 3.21
N ILE A 309 20.51 -13.39 1.95
CA ILE A 309 20.75 -12.09 1.36
C ILE A 309 20.00 -10.97 2.08
N GLY A 310 18.68 -11.11 2.20
CA GLY A 310 17.89 -10.10 2.87
C GLY A 310 18.25 -9.98 4.35
N THR A 311 18.57 -11.11 4.97
CA THR A 311 18.93 -11.12 6.38
C THR A 311 20.22 -10.34 6.61
N LEU A 312 21.22 -10.55 5.74
CA LEU A 312 22.48 -9.84 5.90
C LEU A 312 22.34 -8.36 5.53
N ALA A 313 21.47 -8.05 4.56
CA ALA A 313 21.25 -6.66 4.18
C ALA A 313 20.71 -5.93 5.41
N SER A 314 19.83 -6.60 6.13
CA SER A 314 19.24 -6.02 7.35
C SER A 314 20.33 -5.92 8.42
N ALA A 315 21.07 -7.01 8.60
CA ALA A 315 22.13 -7.06 9.61
C ALA A 315 23.16 -5.95 9.47
N HIS A 316 23.62 -5.72 8.24
CA HIS A 316 24.62 -4.67 8.03
C HIS A 316 24.14 -3.30 8.47
N ALA A 317 22.84 -3.05 8.31
CA ALA A 317 22.30 -1.77 8.75
C ALA A 317 22.26 -1.75 10.28
N PHE A 318 21.82 -2.87 10.86
CA PHE A 318 21.71 -2.95 12.32
C PHE A 318 23.05 -2.86 13.05
N LEU A 319 24.14 -3.26 12.39
CA LEU A 319 25.46 -3.17 13.02
C LEU A 319 25.86 -1.72 13.30
N THR A 320 25.25 -0.77 12.59
CA THR A 320 25.60 0.64 12.76
C THR A 320 24.82 1.39 13.85
N LEU A 321 23.77 0.76 14.37
CA LEU A 321 22.95 1.38 15.40
C LEU A 321 23.63 1.45 16.76
N ASN A 322 23.59 2.62 17.38
CA ASN A 322 24.20 2.81 18.69
C ASN A 322 23.68 1.74 19.66
N LYS A 323 22.37 1.54 19.65
CA LYS A 323 21.76 0.57 20.54
C LYS A 323 20.53 -0.12 19.95
N LEU A 324 20.43 -1.43 20.17
CA LEU A 324 19.31 -2.24 19.72
C LEU A 324 18.80 -2.89 21.01
N SER A 325 18.15 -2.08 21.84
CA SER A 325 17.65 -2.52 23.14
C SER A 325 16.83 -3.80 23.15
N TRP A 326 16.07 -4.05 22.09
CA TRP A 326 15.24 -5.25 22.07
C TRP A 326 15.71 -6.39 21.18
N ASP A 327 16.96 -6.32 20.76
CA ASP A 327 17.59 -7.37 19.96
C ASP A 327 17.02 -7.51 18.54
N THR A 328 17.14 -8.71 17.95
CA THR A 328 16.61 -8.93 16.60
C THR A 328 15.98 -10.30 16.45
N GLU A 329 15.30 -10.49 15.31
CA GLU A 329 14.65 -11.75 14.98
C GLU A 329 15.17 -12.17 13.59
N LEU A 330 16.46 -11.98 13.37
CA LEU A 330 17.06 -12.33 12.08
C LEU A 330 17.38 -13.82 11.97
N PHE A 331 16.35 -14.65 12.05
CA PHE A 331 16.51 -16.10 11.98
C PHE A 331 15.95 -16.70 10.69
N GLY A 332 15.54 -15.85 9.76
CA GLY A 332 15.00 -16.31 8.50
C GLY A 332 15.74 -17.46 7.84
N PRO A 333 17.06 -17.33 7.65
CA PRO A 333 17.86 -18.39 7.02
C PRO A 333 17.78 -19.74 7.73
N LEU A 334 17.54 -19.71 9.04
CA LEU A 334 17.47 -20.93 9.83
C LEU A 334 16.20 -21.75 9.58
N LEU A 335 15.26 -21.18 8.84
CA LEU A 335 14.01 -21.88 8.53
C LEU A 335 14.10 -22.66 7.21
N LEU A 336 15.11 -22.33 6.41
CA LEU A 336 15.30 -22.96 5.11
C LEU A 336 16.14 -24.23 5.19
N THR A 337 15.64 -25.31 4.62
CA THR A 337 16.38 -26.58 4.63
C THR A 337 17.52 -26.40 3.61
N GLU A 338 17.35 -25.45 2.71
CA GLU A 338 18.33 -25.11 1.68
C GLU A 338 18.13 -23.68 1.21
N ASP A 339 19.24 -22.96 1.01
CA ASP A 339 19.19 -21.57 0.55
C ASP A 339 19.90 -21.55 -0.81
N ILE A 340 19.96 -20.38 -1.43
CA ILE A 340 20.62 -20.25 -2.73
C ILE A 340 22.02 -19.68 -2.57
N LEU A 341 22.48 -19.62 -1.32
CA LEU A 341 23.81 -19.10 -1.03
C LEU A 341 24.83 -20.22 -0.89
N ALA A 342 26.04 -19.98 -1.36
CA ALA A 342 27.10 -20.98 -1.29
C ALA A 342 27.45 -21.18 0.18
N GLU A 343 27.50 -20.08 0.93
CA GLU A 343 27.85 -20.12 2.34
C GLU A 343 26.76 -19.38 3.14
N PRO A 344 26.06 -20.09 4.03
CA PRO A 344 25.00 -19.46 4.84
C PRO A 344 25.55 -18.53 5.92
N PRO A 345 24.68 -17.68 6.49
CA PRO A 345 25.11 -16.74 7.54
C PRO A 345 25.59 -17.55 8.75
N VAL A 346 26.44 -16.94 9.57
CA VAL A 346 27.00 -17.62 10.74
C VAL A 346 26.26 -17.34 12.05
N TYR A 347 25.69 -18.39 12.63
CA TYR A 347 24.98 -18.29 13.90
C TYR A 347 25.73 -19.07 14.96
N ARG A 348 26.02 -18.42 16.08
CA ARG A 348 26.73 -19.06 17.16
C ARG A 348 26.55 -18.30 18.47
N ASP A 349 26.39 -19.04 19.56
CA ASP A 349 26.23 -18.45 20.88
C ASP A 349 25.24 -17.29 20.95
N PHE A 350 23.99 -17.58 20.60
CA PHE A 350 22.90 -16.63 20.66
C PHE A 350 22.97 -15.45 19.70
N HIS A 351 23.95 -15.45 18.79
CA HIS A 351 24.11 -14.33 17.86
C HIS A 351 24.32 -14.72 16.40
N LEU A 352 24.12 -13.72 15.54
CA LEU A 352 24.36 -13.84 14.12
C LEU A 352 25.67 -13.06 14.00
N HIS A 353 26.70 -13.68 13.46
CA HIS A 353 27.99 -13.01 13.32
C HIS A 353 28.20 -12.53 11.91
N VAL A 354 28.36 -11.22 11.76
CA VAL A 354 28.53 -10.61 10.46
C VAL A 354 29.98 -10.30 10.14
N SER A 355 30.46 -10.83 9.03
CA SER A 355 31.84 -10.62 8.59
C SER A 355 32.09 -9.23 8.05
N LYS A 356 33.36 -8.95 7.74
CA LYS A 356 33.75 -7.66 7.20
C LYS A 356 34.06 -7.80 5.71
N ALA A 357 33.53 -8.86 5.09
CA ALA A 357 33.75 -9.06 3.66
C ALA A 357 33.08 -7.94 2.88
N PRO A 358 33.58 -7.64 1.67
CA PRO A 358 33.00 -6.56 0.84
C PRO A 358 31.52 -6.79 0.55
N GLY A 359 30.76 -5.71 0.46
CA GLY A 359 29.34 -5.84 0.17
C GLY A 359 28.63 -6.60 1.26
N LEU A 360 27.72 -7.50 0.87
CA LEU A 360 26.97 -8.30 1.84
C LEU A 360 27.75 -9.56 2.21
N GLY A 361 28.93 -9.72 1.62
CA GLY A 361 29.77 -10.87 1.91
C GLY A 361 29.18 -12.24 1.68
N LEU A 362 28.45 -12.38 0.58
CA LEU A 362 27.84 -13.66 0.25
C LEU A 362 27.89 -13.91 -1.25
N SER A 363 27.86 -15.19 -1.63
CA SER A 363 27.90 -15.55 -3.03
C SER A 363 26.78 -16.51 -3.36
N LEU A 364 26.32 -16.42 -4.60
CA LEU A 364 25.24 -17.26 -5.08
C LEU A 364 25.73 -18.65 -5.45
N ASP A 365 24.96 -19.67 -5.10
CA ASP A 365 25.29 -21.03 -5.47
C ASP A 365 24.46 -21.20 -6.74
N GLU A 366 25.11 -21.00 -7.89
CA GLU A 366 24.43 -21.10 -9.17
C GLU A 366 23.63 -22.38 -9.38
N GLU A 367 24.16 -23.51 -8.94
CA GLU A 367 23.46 -24.78 -9.11
C GLU A 367 22.14 -24.80 -8.36
N ARG A 368 22.17 -24.45 -7.08
CA ARG A 368 20.95 -24.44 -6.27
C ARG A 368 19.95 -23.40 -6.78
N LEU A 369 20.45 -22.28 -7.29
CA LEU A 369 19.55 -21.25 -7.81
C LEU A 369 18.81 -21.81 -9.03
N ALA A 370 19.56 -22.45 -9.92
CA ALA A 370 18.98 -23.03 -11.13
C ALA A 370 17.95 -24.11 -10.79
N PHE A 371 18.19 -24.82 -9.69
CA PHE A 371 17.30 -25.89 -9.27
C PHE A 371 16.02 -25.42 -8.59
N PHE A 372 16.13 -24.35 -7.79
CA PHE A 372 14.97 -23.85 -7.06
C PHE A 372 14.20 -22.69 -7.69
N ARG A 373 14.79 -22.02 -8.67
CA ARG A 373 14.10 -20.91 -9.31
C ARG A 373 12.84 -21.40 -10.00
N ARG A 374 11.74 -20.71 -9.75
CA ARG A 374 10.45 -21.07 -10.33
C ARG A 374 10.55 -21.06 -11.85
N GLU A 375 11.37 -20.14 -12.36
CA GLU A 375 11.56 -20.00 -13.80
C GLU A 375 12.50 -18.83 -14.09
N HIS B 4 -24.94 -25.16 -10.63
CA HIS B 4 -25.19 -24.87 -12.08
C HIS B 4 -25.78 -23.47 -12.25
N ALA B 5 -25.60 -22.62 -11.24
CA ALA B 5 -26.15 -21.27 -11.31
C ALA B 5 -25.18 -20.14 -10.99
N SER B 6 -25.11 -19.75 -9.72
CA SER B 6 -24.29 -18.64 -9.28
C SER B 6 -22.80 -18.87 -9.01
N ALA B 7 -22.37 -20.13 -9.00
CA ALA B 7 -20.95 -20.41 -8.76
C ALA B 7 -20.07 -19.66 -9.75
N ILE B 8 -19.00 -19.05 -9.26
CA ILE B 8 -18.08 -18.32 -10.12
C ILE B 8 -17.28 -19.35 -10.91
N GLU B 9 -17.34 -19.23 -12.23
CA GLU B 9 -16.68 -20.18 -13.13
C GLU B 9 -15.30 -19.73 -13.58
N SER B 10 -15.17 -18.43 -13.88
CA SER B 10 -13.89 -17.90 -14.32
C SER B 10 -13.81 -16.40 -14.11
N ILE B 11 -12.58 -15.91 -14.01
CA ILE B 11 -12.31 -14.50 -13.84
C ILE B 11 -11.15 -14.17 -14.75
N GLU B 12 -11.39 -13.36 -15.77
CA GLU B 12 -10.36 -12.99 -16.71
C GLU B 12 -10.01 -11.51 -16.55
N THR B 13 -8.71 -11.22 -16.51
CA THR B 13 -8.25 -9.84 -16.38
C THR B 13 -7.59 -9.47 -17.69
N ILE B 14 -8.01 -8.34 -18.26
CA ILE B 14 -7.46 -7.89 -19.53
C ILE B 14 -6.93 -6.48 -19.46
N ILE B 15 -5.68 -6.29 -19.85
CA ILE B 15 -5.10 -4.96 -19.85
C ILE B 15 -5.37 -4.35 -21.23
N VAL B 16 -5.98 -3.17 -21.22
CA VAL B 16 -6.32 -2.48 -22.46
C VAL B 16 -5.70 -1.09 -22.51
N ASP B 17 -5.11 -0.75 -23.66
CA ASP B 17 -4.49 0.56 -23.83
C ASP B 17 -5.35 1.36 -24.81
N LEU B 18 -5.91 2.45 -24.34
CA LEU B 18 -6.78 3.28 -25.16
C LEU B 18 -6.23 4.69 -25.39
N PRO B 19 -6.35 5.20 -26.61
CA PRO B 19 -5.87 6.54 -26.93
C PRO B 19 -6.75 7.60 -26.28
N THR B 20 -6.15 8.73 -25.91
CA THR B 20 -6.90 9.81 -25.29
C THR B 20 -6.88 11.09 -26.13
N ILE B 21 -7.68 12.06 -25.73
CA ILE B 21 -7.76 13.34 -26.45
C ILE B 21 -6.52 14.20 -26.22
N ASN B 33 -2.48 8.18 -24.10
CA ASN B 33 -2.87 6.79 -23.86
C ASN B 33 -3.29 6.52 -22.42
N GLN B 34 -4.41 5.82 -22.26
CA GLN B 34 -4.91 5.48 -20.94
C GLN B 34 -5.06 3.96 -20.86
N THR B 35 -4.52 3.37 -19.80
CA THR B 35 -4.58 1.92 -19.63
C THR B 35 -5.66 1.51 -18.64
N LEU B 36 -6.49 0.56 -19.05
CA LEU B 36 -7.56 0.06 -18.18
C LEU B 36 -7.34 -1.42 -17.93
N VAL B 37 -7.85 -1.90 -16.81
CA VAL B 37 -7.76 -3.32 -16.49
C VAL B 37 -9.21 -3.80 -16.42
N LEU B 38 -9.63 -4.52 -17.45
CA LEU B 38 -11.00 -5.03 -17.52
C LEU B 38 -11.10 -6.38 -16.83
N ILE B 39 -12.16 -6.55 -16.04
CA ILE B 39 -12.40 -7.80 -15.34
C ILE B 39 -13.66 -8.44 -15.92
N ARG B 40 -13.54 -9.68 -16.39
CA ARG B 40 -14.69 -10.40 -16.94
C ARG B 40 -14.95 -11.58 -16.01
N LEU B 41 -16.02 -11.49 -15.22
CA LEU B 41 -16.37 -12.55 -14.29
C LEU B 41 -17.57 -13.31 -14.80
N ARG B 42 -17.42 -14.62 -14.99
CA ARG B 42 -18.52 -15.44 -15.50
C ARG B 42 -18.97 -16.48 -14.48
N CYS B 43 -20.29 -16.63 -14.39
CA CYS B 43 -20.91 -17.57 -13.45
C CYS B 43 -21.44 -18.81 -14.15
N ALA B 44 -21.69 -19.86 -13.38
CA ALA B 44 -22.18 -21.12 -13.91
C ALA B 44 -23.49 -21.00 -14.69
N ASP B 45 -24.27 -19.96 -14.43
CA ASP B 45 -25.52 -19.78 -15.13
C ASP B 45 -25.39 -18.95 -16.40
N GLY B 46 -24.15 -18.75 -16.84
CA GLY B 46 -23.91 -17.99 -18.05
C GLY B 46 -23.84 -16.48 -17.91
N ILE B 47 -24.26 -15.96 -16.75
CA ILE B 47 -24.23 -14.51 -16.55
C ILE B 47 -22.80 -14.00 -16.39
N GLU B 48 -22.48 -12.92 -17.10
CA GLU B 48 -21.16 -12.32 -17.03
C GLU B 48 -21.21 -10.93 -16.40
N GLY B 49 -20.28 -10.67 -15.50
CA GLY B 49 -20.21 -9.38 -14.85
C GLY B 49 -18.92 -8.70 -15.30
N LEU B 50 -19.00 -7.40 -15.53
CA LEU B 50 -17.82 -6.64 -15.96
C LEU B 50 -17.40 -5.65 -14.89
N GLY B 51 -16.09 -5.55 -14.68
CA GLY B 51 -15.55 -4.64 -13.69
C GLY B 51 -14.35 -3.92 -14.26
N GLU B 52 -13.89 -2.87 -13.59
CA GLU B 52 -12.74 -2.13 -14.08
C GLU B 52 -11.83 -1.68 -12.94
N SER B 53 -10.55 -1.96 -13.11
CA SER B 53 -9.51 -1.56 -12.15
C SER B 53 -8.58 -0.70 -12.98
N THR B 54 -8.67 0.61 -12.80
CA THR B 54 -7.83 1.52 -13.57
C THR B 54 -7.14 2.52 -12.68
N THR B 55 -5.93 2.91 -13.05
CA THR B 55 -5.19 3.89 -12.28
C THR B 55 -4.56 4.89 -13.24
N ILE B 56 -3.71 5.76 -12.72
CA ILE B 56 -3.07 6.78 -13.54
C ILE B 56 -1.54 6.67 -13.52
N GLY B 57 -0.94 6.81 -14.70
CA GLY B 57 0.51 6.78 -14.84
C GLY B 57 1.37 5.69 -14.21
N GLY B 58 1.03 4.42 -14.44
CA GLY B 58 1.83 3.35 -13.88
C GLY B 58 1.82 3.24 -12.38
N LEU B 59 2.90 3.68 -11.74
CA LEU B 59 3.01 3.63 -10.28
C LEU B 59 3.19 5.02 -9.67
N ALA B 60 3.00 6.05 -10.49
CA ALA B 60 3.15 7.42 -10.02
C ALA B 60 2.00 7.91 -9.15
N TYR B 61 0.85 7.27 -9.23
CA TYR B 61 -0.31 7.69 -8.45
C TYR B 61 -0.89 6.65 -7.50
N GLY B 62 -0.18 5.54 -7.32
CA GLY B 62 -0.64 4.49 -6.43
C GLY B 62 0.35 3.33 -6.48
N ASN B 63 0.31 2.46 -5.49
CA ASN B 63 1.25 1.33 -5.47
C ASN B 63 0.86 0.17 -6.38
N GLU B 64 -0.34 0.23 -6.96
CA GLU B 64 -0.80 -0.81 -7.87
C GLU B 64 -0.74 -0.30 -9.31
N SER B 65 -0.12 -1.08 -10.20
CA SER B 65 -0.05 -0.69 -11.60
C SER B 65 -1.02 -1.62 -12.33
N PRO B 66 -1.39 -1.27 -13.58
CA PRO B 66 -2.33 -2.18 -14.26
C PRO B 66 -1.69 -3.57 -14.37
N ASP B 67 -0.37 -3.57 -14.53
CA ASP B 67 0.39 -4.81 -14.64
C ASP B 67 0.34 -5.65 -13.37
N SER B 68 0.56 -5.03 -12.21
CA SER B 68 0.55 -5.77 -10.96
C SER B 68 -0.88 -6.12 -10.52
N ILE B 69 -1.85 -5.34 -10.97
CA ILE B 69 -3.24 -5.63 -10.63
C ILE B 69 -3.58 -6.95 -11.32
N LYS B 70 -3.21 -7.08 -12.59
CA LYS B 70 -3.47 -8.32 -13.30
C LYS B 70 -2.73 -9.47 -12.64
N THR B 71 -1.48 -9.23 -12.24
CA THR B 71 -0.69 -10.27 -11.59
C THR B 71 -1.36 -10.78 -10.32
N ASN B 72 -1.69 -9.86 -9.41
CA ASN B 72 -2.30 -10.26 -8.15
C ASN B 72 -3.72 -10.83 -8.28
N ILE B 73 -4.49 -10.36 -9.25
CA ILE B 73 -5.83 -10.93 -9.41
C ILE B 73 -5.68 -12.36 -9.92
N ASP B 74 -4.90 -12.55 -10.97
CA ASP B 74 -4.72 -13.89 -11.54
C ASP B 74 -4.12 -14.90 -10.56
N ARG B 75 -3.10 -14.47 -9.84
CA ARG B 75 -2.40 -15.35 -8.90
C ARG B 75 -3.04 -15.54 -7.54
N PHE B 76 -3.74 -14.53 -7.02
CA PHE B 76 -4.33 -14.65 -5.69
C PHE B 76 -5.83 -14.47 -5.53
N VAL B 77 -6.41 -13.50 -6.24
CA VAL B 77 -7.83 -13.25 -6.14
C VAL B 77 -8.67 -14.34 -6.81
N ALA B 78 -8.36 -14.64 -8.06
CA ALA B 78 -9.10 -15.65 -8.81
C ALA B 78 -9.23 -16.99 -8.09
N PRO B 79 -8.10 -17.56 -7.63
CA PRO B 79 -8.14 -18.83 -6.92
C PRO B 79 -9.05 -18.84 -5.70
N LEU B 80 -9.18 -17.68 -5.06
CA LEU B 80 -10.02 -17.57 -3.88
C LEU B 80 -11.50 -17.51 -4.22
N LEU B 81 -11.83 -16.97 -5.39
CA LEU B 81 -13.23 -16.82 -5.79
C LEU B 81 -13.82 -17.87 -6.72
N ILE B 82 -12.98 -18.50 -7.56
CA ILE B 82 -13.50 -19.51 -8.47
C ILE B 82 -14.17 -20.59 -7.63
N GLY B 83 -15.44 -20.87 -7.95
CA GLY B 83 -16.17 -21.87 -7.20
C GLY B 83 -17.08 -21.30 -6.12
N GLN B 84 -16.86 -20.04 -5.76
CA GLN B 84 -17.67 -19.37 -4.74
C GLN B 84 -18.98 -18.85 -5.33
N ASP B 85 -20.00 -18.70 -4.49
CA ASP B 85 -21.30 -18.21 -4.92
C ASP B 85 -21.23 -16.71 -5.23
N ALA B 86 -21.36 -16.37 -6.50
CA ALA B 86 -21.29 -14.97 -6.92
C ALA B 86 -22.44 -14.10 -6.42
N SER B 87 -23.53 -14.73 -5.97
CA SER B 87 -24.68 -13.99 -5.48
C SER B 87 -24.53 -13.45 -4.06
N ASN B 88 -23.51 -13.91 -3.34
CA ASN B 88 -23.29 -13.39 -2.00
C ASN B 88 -22.02 -12.56 -2.08
N ILE B 89 -22.19 -11.29 -2.41
CA ILE B 89 -21.06 -10.38 -2.59
C ILE B 89 -20.35 -10.04 -1.29
N ASN B 90 -21.09 -9.88 -0.21
CA ASN B 90 -20.47 -9.56 1.07
C ASN B 90 -19.52 -10.67 1.49
N ALA B 91 -19.96 -11.92 1.37
CA ALA B 91 -19.15 -13.06 1.75
C ALA B 91 -17.91 -13.17 0.86
N ALA B 92 -18.08 -12.96 -0.44
CA ALA B 92 -16.97 -13.04 -1.38
C ALA B 92 -15.90 -11.99 -1.09
N MET B 93 -16.34 -10.75 -0.83
CA MET B 93 -15.38 -9.68 -0.57
C MET B 93 -14.71 -9.83 0.80
N LEU B 94 -15.40 -10.40 1.76
CA LEU B 94 -14.80 -10.63 3.08
C LEU B 94 -13.81 -11.78 2.97
N ARG B 95 -14.10 -12.73 2.09
CA ARG B 95 -13.22 -13.88 1.88
C ARG B 95 -11.90 -13.33 1.33
N LEU B 96 -12.01 -12.31 0.47
CA LEU B 96 -10.83 -11.66 -0.10
C LEU B 96 -10.08 -10.88 0.97
N GLU B 97 -10.82 -10.16 1.80
CA GLU B 97 -10.22 -9.35 2.84
C GLU B 97 -9.45 -10.18 3.87
N GLN B 98 -9.86 -11.43 4.04
CA GLN B 98 -9.22 -12.33 5.00
C GLN B 98 -7.82 -12.76 4.57
N SER B 99 -7.60 -12.86 3.26
CA SER B 99 -6.30 -13.31 2.75
C SER B 99 -5.51 -12.28 1.95
N ILE B 100 -6.13 -11.14 1.64
CA ILE B 100 -5.44 -10.13 0.85
C ILE B 100 -5.38 -8.75 1.47
N ARG B 101 -4.16 -8.29 1.72
CA ARG B 101 -3.94 -6.97 2.29
C ARG B 101 -3.83 -5.94 1.17
N GLY B 102 -4.42 -4.76 1.36
CA GLY B 102 -4.37 -3.73 0.35
C GLY B 102 -4.98 -4.17 -0.97
N ASN B 103 -4.34 -3.82 -2.09
CA ASN B 103 -4.84 -4.19 -3.42
C ASN B 103 -6.29 -3.74 -3.59
N THR B 104 -6.59 -2.51 -3.16
CA THR B 104 -7.94 -1.97 -3.26
C THR B 104 -8.40 -1.75 -4.70
N PHE B 105 -7.47 -1.38 -5.59
CA PHE B 105 -7.83 -1.17 -6.99
C PHE B 105 -8.34 -2.48 -7.58
N ALA B 106 -7.64 -3.57 -7.29
CA ALA B 106 -8.04 -4.89 -7.77
C ALA B 106 -9.37 -5.30 -7.16
N LYS B 107 -9.51 -5.12 -5.85
CA LYS B 107 -10.75 -5.46 -5.16
C LYS B 107 -11.94 -4.67 -5.72
N SER B 108 -11.71 -3.41 -6.06
CA SER B 108 -12.76 -2.55 -6.60
C SER B 108 -13.28 -3.11 -7.92
N GLY B 109 -12.36 -3.54 -8.79
CA GLY B 109 -12.76 -4.08 -10.08
C GLY B 109 -13.55 -5.37 -9.90
N ILE B 110 -13.09 -6.21 -8.97
CA ILE B 110 -13.76 -7.47 -8.70
C ILE B 110 -15.18 -7.25 -8.17
N GLU B 111 -15.34 -6.36 -7.20
CA GLU B 111 -16.66 -6.12 -6.65
C GLU B 111 -17.59 -5.51 -7.70
N SER B 112 -17.04 -4.65 -8.55
CA SER B 112 -17.84 -4.03 -9.60
C SER B 112 -18.41 -5.13 -10.50
N ALA B 113 -17.57 -6.09 -10.85
CA ALA B 113 -17.98 -7.21 -11.70
C ALA B 113 -19.07 -8.03 -11.02
N LEU B 114 -18.88 -8.30 -9.73
CA LEU B 114 -19.87 -9.06 -8.97
C LEU B 114 -21.21 -8.32 -8.91
N LEU B 115 -21.15 -7.01 -8.74
CA LEU B 115 -22.35 -6.18 -8.67
C LEU B 115 -23.07 -6.15 -10.03
N ASP B 116 -22.29 -6.03 -11.10
CA ASP B 116 -22.86 -6.01 -12.44
C ASP B 116 -23.58 -7.35 -12.67
N ALA B 117 -22.91 -8.45 -12.34
CA ALA B 117 -23.50 -9.78 -12.54
C ALA B 117 -24.75 -9.99 -11.69
N GLN B 118 -24.70 -9.61 -10.42
CA GLN B 118 -25.85 -9.78 -9.54
C GLN B 118 -27.01 -8.89 -10.00
N GLY B 119 -26.67 -7.74 -10.57
CA GLY B 119 -27.70 -6.84 -11.07
C GLY B 119 -28.42 -7.50 -12.23
N LYS B 120 -27.64 -8.10 -13.13
CA LYS B 120 -28.21 -8.79 -14.28
C LYS B 120 -29.03 -9.97 -13.80
N ARG B 121 -28.50 -10.69 -12.81
CA ARG B 121 -29.16 -11.86 -12.26
C ARG B 121 -30.54 -11.53 -11.66
N LEU B 122 -30.66 -10.38 -11.01
CA LEU B 122 -31.92 -9.98 -10.40
C LEU B 122 -32.73 -9.03 -11.27
N GLY B 123 -32.13 -8.57 -12.36
CA GLY B 123 -32.81 -7.64 -13.25
C GLY B 123 -32.94 -6.26 -12.63
N LEU B 124 -31.95 -5.86 -11.85
CA LEU B 124 -31.95 -4.56 -11.17
C LEU B 124 -30.65 -3.82 -11.39
N PRO B 125 -30.72 -2.48 -11.47
CA PRO B 125 -29.48 -1.71 -11.66
C PRO B 125 -28.65 -1.81 -10.38
N VAL B 126 -27.33 -1.60 -10.49
CA VAL B 126 -26.47 -1.69 -9.31
C VAL B 126 -26.92 -0.72 -8.22
N SER B 127 -27.39 0.45 -8.61
CA SER B 127 -27.84 1.44 -7.65
C SER B 127 -28.94 0.86 -6.75
N GLU B 128 -29.77 -0.03 -7.30
CA GLU B 128 -30.83 -0.63 -6.50
C GLU B 128 -30.29 -1.71 -5.59
N LEU B 129 -29.31 -2.46 -6.07
CA LEU B 129 -28.70 -3.50 -5.25
C LEU B 129 -28.10 -2.84 -4.02
N LEU B 130 -27.61 -1.62 -4.22
CA LEU B 130 -26.98 -0.87 -3.14
C LEU B 130 -27.98 -0.14 -2.25
N GLY B 131 -29.28 -0.38 -2.46
CA GLY B 131 -30.28 0.25 -1.61
C GLY B 131 -31.32 1.10 -2.31
N GLY B 132 -30.97 1.67 -3.45
CA GLY B 132 -31.92 2.50 -4.17
C GLY B 132 -31.42 3.91 -4.42
N ARG B 133 -31.60 4.38 -5.65
CA ARG B 133 -31.16 5.71 -6.02
C ARG B 133 -32.11 6.79 -5.51
N VAL B 134 -31.59 7.99 -5.33
CA VAL B 134 -32.39 9.13 -4.89
C VAL B 134 -32.28 10.21 -5.96
N ARG B 135 -31.56 9.88 -7.03
CA ARG B 135 -31.36 10.77 -8.18
C ARG B 135 -30.98 9.90 -9.37
N ASP B 136 -31.14 10.45 -10.58
CA ASP B 136 -30.82 9.73 -11.80
C ASP B 136 -29.63 10.35 -12.52
N ALA B 137 -29.25 11.55 -12.11
CA ALA B 137 -28.15 12.25 -12.74
C ALA B 137 -27.16 12.79 -11.73
N LEU B 138 -25.91 12.93 -12.15
CA LEU B 138 -24.85 13.42 -11.28
C LEU B 138 -24.10 14.55 -11.97
N PRO B 139 -23.88 15.67 -11.27
CA PRO B 139 -23.15 16.78 -11.87
C PRO B 139 -21.71 16.34 -12.09
N VAL B 140 -21.13 16.72 -13.23
CA VAL B 140 -19.77 16.31 -13.54
C VAL B 140 -18.84 17.49 -13.80
N ALA B 141 -17.80 17.60 -12.99
CA ALA B 141 -16.82 18.67 -13.15
C ALA B 141 -15.87 18.33 -14.29
N TRP B 142 -14.96 19.23 -14.60
CA TRP B 142 -14.02 19.02 -15.70
C TRP B 142 -12.65 19.58 -15.36
N THR B 143 -11.60 18.79 -15.56
CA THR B 143 -10.26 19.26 -15.28
C THR B 143 -9.68 19.99 -16.50
N LEU B 144 -9.19 21.20 -16.27
CA LEU B 144 -8.58 22.00 -17.34
C LEU B 144 -7.08 21.68 -17.22
N ALA B 145 -6.55 20.95 -18.20
CA ALA B 145 -5.15 20.54 -18.15
C ALA B 145 -4.19 21.04 -19.23
N SER B 146 -4.52 22.12 -19.91
CA SER B 146 -3.64 22.61 -20.96
C SER B 146 -2.36 23.20 -20.38
N GLY B 147 -2.43 23.66 -19.14
CA GLY B 147 -1.27 24.27 -18.52
C GLY B 147 -1.14 25.72 -18.95
N ASP B 148 -1.96 26.11 -19.91
CA ASP B 148 -1.97 27.47 -20.42
C ASP B 148 -3.21 28.21 -19.94
N THR B 149 -3.02 29.34 -19.27
CA THR B 149 -4.13 30.12 -18.74
C THR B 149 -5.17 30.48 -19.80
N ALA B 150 -4.71 31.05 -20.92
CA ALA B 150 -5.61 31.44 -22.00
C ALA B 150 -6.38 30.24 -22.54
N LYS B 151 -5.68 29.15 -22.79
CA LYS B 151 -6.30 27.94 -23.31
C LYS B 151 -7.34 27.37 -22.35
N ASP B 152 -7.03 27.37 -21.06
CA ASP B 152 -7.97 26.86 -20.06
C ASP B 152 -9.24 27.69 -19.99
N ILE B 153 -9.09 29.01 -20.07
CA ILE B 153 -10.25 29.89 -20.02
C ILE B 153 -11.15 29.63 -21.23
N ALA B 154 -10.54 29.52 -22.41
CA ALA B 154 -11.29 29.26 -23.63
C ALA B 154 -12.00 27.92 -23.57
N GLU B 155 -11.32 26.90 -23.08
CA GLU B 155 -11.91 25.56 -22.98
C GLU B 155 -13.08 25.58 -22.00
N ALA B 156 -12.90 26.28 -20.88
CA ALA B 156 -13.95 26.37 -19.87
C ALA B 156 -15.19 27.05 -20.46
N GLN B 157 -14.98 28.16 -21.17
CA GLN B 157 -16.08 28.88 -21.77
C GLN B 157 -16.77 27.99 -22.81
N LYS B 158 -15.98 27.14 -23.45
CA LYS B 158 -16.50 26.22 -24.45
C LYS B 158 -17.41 25.18 -23.79
N MET B 159 -16.95 24.61 -22.69
CA MET B 159 -17.74 23.60 -21.99
C MET B 159 -19.01 24.21 -21.42
N LEU B 160 -18.93 25.49 -21.05
CA LEU B 160 -20.10 26.17 -20.51
C LEU B 160 -21.12 26.39 -21.63
N ASP B 161 -20.64 26.85 -22.79
CA ASP B 161 -21.52 27.10 -23.92
C ASP B 161 -22.22 25.83 -24.40
N LEU B 162 -21.50 24.71 -24.37
CA LEU B 162 -22.07 23.43 -24.80
C LEU B 162 -22.90 22.81 -23.68
N ARG B 163 -22.94 23.49 -22.53
CA ARG B 163 -23.67 22.99 -21.37
C ARG B 163 -23.16 21.61 -20.97
N ARG B 164 -21.84 21.43 -21.05
CA ARG B 164 -21.22 20.17 -20.68
C ARG B 164 -20.70 20.20 -19.26
N HIS B 165 -20.02 21.29 -18.88
CA HIS B 165 -19.48 21.42 -17.54
C HIS B 165 -19.52 22.87 -17.05
N ARG B 166 -19.70 23.04 -15.75
CA ARG B 166 -19.76 24.36 -15.14
C ARG B 166 -18.92 24.39 -13.85
N ILE B 167 -18.24 23.28 -13.59
CA ILE B 167 -17.37 23.15 -12.42
C ILE B 167 -16.04 22.74 -13.01
N PHE B 168 -14.99 23.48 -12.68
CA PHE B 168 -13.66 23.19 -13.21
C PHE B 168 -12.60 22.97 -12.15
N LYS B 169 -11.73 22.00 -12.41
CA LYS B 169 -10.67 21.64 -11.51
C LYS B 169 -9.32 21.91 -12.15
N LEU B 170 -8.43 22.56 -11.40
CA LEU B 170 -7.10 22.85 -11.91
C LEU B 170 -6.05 22.14 -11.07
N LYS B 171 -5.15 21.42 -11.74
CA LYS B 171 -4.09 20.72 -11.06
C LYS B 171 -2.91 21.66 -10.94
N ILE B 172 -2.43 21.87 -9.72
CA ILE B 172 -1.30 22.76 -9.48
C ILE B 172 -0.32 22.12 -8.51
N GLY B 173 0.77 22.81 -8.24
CA GLY B 173 1.76 22.28 -7.30
C GLY B 173 3.10 21.91 -7.92
N ALA B 174 3.12 21.68 -9.23
CA ALA B 174 4.35 21.30 -9.91
C ALA B 174 5.21 22.52 -10.24
N GLY B 175 4.58 23.66 -10.47
CA GLY B 175 5.32 24.86 -10.80
C GLY B 175 5.60 25.75 -9.60
N GLU B 176 6.13 26.94 -9.86
CA GLU B 176 6.42 27.90 -8.82
C GLU B 176 5.08 28.29 -8.22
N VAL B 177 4.99 28.29 -6.89
CA VAL B 177 3.74 28.58 -6.21
C VAL B 177 2.98 29.83 -6.69
N ASP B 178 3.64 30.98 -6.71
CA ASP B 178 2.97 32.20 -7.13
C ASP B 178 2.47 32.16 -8.57
N ARG B 179 3.15 31.40 -9.43
CA ARG B 179 2.72 31.28 -10.82
C ARG B 179 1.49 30.40 -10.90
N ASP B 180 1.44 29.34 -10.11
CA ASP B 180 0.29 28.45 -10.10
C ASP B 180 -0.92 29.21 -9.58
N LEU B 181 -0.73 29.98 -8.52
CA LEU B 181 -1.81 30.75 -7.93
C LEU B 181 -2.36 31.77 -8.91
N ALA B 182 -1.46 32.48 -9.59
CA ALA B 182 -1.87 33.49 -10.56
C ALA B 182 -2.71 32.85 -11.67
N HIS B 183 -2.26 31.66 -12.10
CA HIS B 183 -2.92 30.89 -13.14
C HIS B 183 -4.37 30.58 -12.77
N VAL B 184 -4.56 29.95 -11.62
CA VAL B 184 -5.89 29.58 -11.14
C VAL B 184 -6.79 30.80 -10.89
N ILE B 185 -6.23 31.82 -10.25
CA ILE B 185 -6.98 33.02 -9.94
C ILE B 185 -7.44 33.74 -11.21
N ALA B 186 -6.59 33.75 -12.22
CA ALA B 186 -6.92 34.40 -13.49
C ALA B 186 -8.06 33.67 -14.19
N ILE B 187 -8.11 32.35 -14.04
CA ILE B 187 -9.16 31.55 -14.65
C ILE B 187 -10.49 31.84 -13.97
N LYS B 188 -10.48 31.90 -12.64
CA LYS B 188 -11.71 32.18 -11.90
C LYS B 188 -12.20 33.59 -12.21
N LYS B 189 -11.27 34.54 -12.27
CA LYS B 189 -11.62 35.93 -12.54
C LYS B 189 -12.31 36.05 -13.90
N ALA B 190 -11.83 35.32 -14.89
CA ALA B 190 -12.41 35.35 -16.23
C ALA B 190 -13.80 34.73 -16.27
N LEU B 191 -14.00 33.65 -15.51
CA LEU B 191 -15.29 32.98 -15.49
C LEU B 191 -16.29 33.62 -14.54
N GLY B 192 -15.78 34.28 -13.50
CA GLY B 192 -16.67 34.90 -12.53
C GLY B 192 -17.64 33.90 -11.92
N ASP B 193 -18.86 34.33 -11.64
CA ASP B 193 -19.84 33.43 -11.02
C ASP B 193 -20.49 32.47 -12.00
N SER B 194 -19.99 32.39 -13.22
CA SER B 194 -20.56 31.49 -14.21
C SER B 194 -20.11 30.04 -13.95
N ALA B 195 -19.10 29.89 -13.10
CA ALA B 195 -18.60 28.55 -12.81
C ALA B 195 -17.92 28.43 -11.44
N SER B 196 -17.76 27.21 -10.99
CA SER B 196 -17.09 26.94 -9.72
C SER B 196 -15.69 26.47 -10.10
N VAL B 197 -14.67 27.06 -9.48
CA VAL B 197 -13.29 26.70 -9.77
C VAL B 197 -12.65 26.10 -8.52
N ARG B 198 -12.07 24.91 -8.68
CA ARG B 198 -11.41 24.22 -7.58
C ARG B 198 -10.01 23.83 -8.00
N VAL B 199 -9.16 23.47 -7.03
CA VAL B 199 -7.81 23.05 -7.36
C VAL B 199 -7.49 21.73 -6.69
N ASP B 200 -6.53 21.03 -7.26
CA ASP B 200 -6.05 19.77 -6.69
C ASP B 200 -4.54 19.93 -6.69
N VAL B 201 -3.93 19.87 -5.52
CA VAL B 201 -2.48 20.05 -5.42
C VAL B 201 -1.74 18.72 -5.42
N ASN B 202 -2.50 17.62 -5.37
CA ASN B 202 -1.92 16.28 -5.37
C ASN B 202 -0.75 16.09 -4.40
N GLN B 203 -0.91 16.59 -3.18
CA GLN B 203 0.10 16.48 -2.12
C GLN B 203 1.39 17.26 -2.36
N ALA B 204 1.45 18.01 -3.45
CA ALA B 204 2.65 18.73 -3.83
C ALA B 204 3.27 19.76 -2.87
N TRP B 205 2.46 20.50 -2.13
CA TRP B 205 3.00 21.52 -1.23
C TRP B 205 3.44 21.08 0.16
N ASP B 206 4.38 21.82 0.73
CA ASP B 206 4.80 21.59 2.11
C ASP B 206 3.81 22.48 2.87
N GLU B 207 3.55 22.17 4.13
CA GLU B 207 2.65 22.99 4.94
C GLU B 207 3.10 24.45 4.96
N ALA B 208 4.40 24.68 4.93
CA ALA B 208 4.96 26.03 4.95
C ALA B 208 4.46 26.88 3.78
N VAL B 209 4.25 26.22 2.64
CA VAL B 209 3.76 26.89 1.44
C VAL B 209 2.23 26.94 1.43
N ALA B 210 1.61 25.82 1.80
CA ALA B 210 0.15 25.73 1.82
C ALA B 210 -0.53 26.71 2.75
N LEU B 211 0.05 26.94 3.93
CA LEU B 211 -0.56 27.85 4.90
C LEU B 211 -0.78 29.25 4.33
N ARG B 212 0.07 29.64 3.38
CA ARG B 212 -0.06 30.96 2.76
C ARG B 212 -0.91 30.87 1.49
N ALA B 213 -0.64 29.85 0.67
CA ALA B 213 -1.36 29.65 -0.58
C ALA B 213 -2.86 29.42 -0.40
N CYS B 214 -3.24 28.66 0.62
CA CYS B 214 -4.67 28.42 0.84
C CYS B 214 -5.40 29.72 1.16
N ARG B 215 -4.75 30.61 1.91
CA ARG B 215 -5.38 31.88 2.25
C ARG B 215 -5.57 32.73 0.99
N ILE B 216 -4.59 32.68 0.08
CA ILE B 216 -4.67 33.45 -1.16
C ILE B 216 -5.77 32.91 -2.07
N LEU B 217 -5.82 31.60 -2.25
CA LEU B 217 -6.85 31.00 -3.10
C LEU B 217 -8.24 31.25 -2.53
N GLY B 218 -8.38 31.07 -1.22
CA GLY B 218 -9.67 31.27 -0.57
C GLY B 218 -10.16 32.70 -0.69
N GLY B 219 -9.23 33.65 -0.67
CA GLY B 219 -9.63 35.04 -0.79
C GLY B 219 -9.84 35.48 -2.22
N ASN B 220 -9.63 34.55 -3.16
CA ASN B 220 -9.77 34.86 -4.57
C ASN B 220 -10.76 34.01 -5.36
N GLY B 221 -11.80 33.53 -4.69
CA GLY B 221 -12.82 32.77 -5.38
C GLY B 221 -12.63 31.29 -5.68
N ILE B 222 -11.61 30.66 -5.10
CA ILE B 222 -11.41 29.24 -5.33
C ILE B 222 -12.28 28.54 -4.28
N ASP B 223 -13.18 27.67 -4.73
CA ASP B 223 -14.13 27.00 -3.84
C ASP B 223 -13.67 25.80 -3.02
N LEU B 224 -12.63 25.13 -3.47
CA LEU B 224 -12.17 23.94 -2.77
C LEU B 224 -10.70 23.67 -3.05
N ILE B 225 -9.97 23.25 -2.02
CA ILE B 225 -8.55 22.95 -2.18
C ILE B 225 -8.35 21.48 -1.84
N GLU B 226 -8.10 20.69 -2.87
CA GLU B 226 -7.93 19.25 -2.72
C GLU B 226 -6.51 18.81 -2.38
N GLN B 227 -6.39 18.05 -1.30
CA GLN B 227 -5.12 17.49 -0.83
C GLN B 227 -3.90 18.40 -1.05
N PRO B 228 -3.87 19.56 -0.39
CA PRO B 228 -2.74 20.49 -0.56
C PRO B 228 -1.37 19.96 -0.15
N ILE B 229 -1.33 19.13 0.89
CA ILE B 229 -0.05 18.60 1.35
C ILE B 229 -0.06 17.08 1.46
N SER B 230 1.09 16.53 1.81
CA SER B 230 1.24 15.08 1.93
C SER B 230 0.31 14.45 2.95
N ARG B 231 -0.23 13.29 2.61
CA ARG B 231 -1.10 12.54 3.52
C ARG B 231 -0.31 12.18 4.78
N ASN B 232 1.02 12.23 4.70
CA ASN B 232 1.87 11.91 5.84
C ASN B 232 1.95 13.02 6.89
N ASN B 233 1.64 14.25 6.49
CA ASN B 233 1.68 15.35 7.44
C ASN B 233 0.28 15.42 8.05
N ARG B 234 -0.03 14.46 8.90
CA ARG B 234 -1.34 14.37 9.52
C ARG B 234 -1.70 15.58 10.36
N ALA B 235 -0.79 16.01 11.22
CA ALA B 235 -1.02 17.16 12.07
C ALA B 235 -1.17 18.42 11.22
N GLY B 236 -0.42 18.48 10.13
CA GLY B 236 -0.47 19.64 9.25
C GLY B 236 -1.80 19.82 8.54
N MET B 237 -2.41 18.72 8.10
CA MET B 237 -3.70 18.81 7.43
C MET B 237 -4.72 19.39 8.41
N VAL B 238 -4.65 18.97 9.67
CA VAL B 238 -5.57 19.48 10.68
C VAL B 238 -5.34 20.99 10.86
N ARG B 239 -4.08 21.40 10.97
CA ARG B 239 -3.78 22.82 11.15
C ARG B 239 -4.26 23.65 9.97
N LEU B 240 -4.10 23.14 8.75
CA LEU B 240 -4.54 23.88 7.57
C LEU B 240 -6.06 24.06 7.50
N ASN B 241 -6.80 23.10 8.05
CA ASN B 241 -8.25 23.24 8.06
C ASN B 241 -8.66 24.46 8.86
N ALA B 242 -7.86 24.80 9.86
CA ALA B 242 -8.15 25.95 10.71
C ALA B 242 -7.74 27.28 10.08
N SER B 243 -6.60 27.29 9.40
CA SER B 243 -6.11 28.52 8.79
C SER B 243 -6.68 28.82 7.40
N SER B 244 -7.09 27.79 6.67
CA SER B 244 -7.63 28.01 5.34
C SER B 244 -9.08 28.49 5.36
N PRO B 245 -9.35 29.62 4.67
CA PRO B 245 -10.70 30.18 4.60
C PRO B 245 -11.52 29.41 3.57
N ALA B 246 -10.85 28.52 2.84
CA ALA B 246 -11.50 27.69 1.83
C ALA B 246 -11.46 26.25 2.34
N PRO B 247 -12.52 25.47 2.10
CA PRO B 247 -12.53 24.09 2.57
C PRO B 247 -11.46 23.21 1.93
N ILE B 248 -10.91 22.30 2.73
CA ILE B 248 -9.87 21.38 2.26
C ILE B 248 -10.49 20.00 2.05
N MET B 249 -10.18 19.36 0.92
CA MET B 249 -10.71 18.02 0.64
C MET B 249 -9.61 16.97 0.69
N ALA B 250 -9.90 15.85 1.34
CA ALA B 250 -8.92 14.76 1.42
C ALA B 250 -9.14 13.82 0.24
N ASP B 251 -8.06 13.44 -0.43
CA ASP B 251 -8.11 12.48 -1.53
C ASP B 251 -7.09 11.39 -1.26
N GLU B 252 -5.81 11.67 -1.53
CA GLU B 252 -4.75 10.69 -1.29
C GLU B 252 -4.69 10.25 0.18
N SER B 253 -5.17 11.09 1.09
CA SER B 253 -5.16 10.73 2.51
C SER B 253 -6.07 9.54 2.77
N ILE B 254 -7.01 9.27 1.86
CA ILE B 254 -7.90 8.13 2.02
C ILE B 254 -7.41 6.96 1.14
N GLU B 255 -6.90 5.92 1.77
CA GLU B 255 -6.44 4.73 1.05
C GLU B 255 -7.19 3.48 1.55
N CYS B 256 -8.16 3.68 2.43
CA CYS B 256 -9.00 2.61 2.94
C CYS B 256 -10.09 3.25 3.78
N VAL B 257 -11.14 2.50 4.08
CA VAL B 257 -12.25 3.01 4.88
C VAL B 257 -11.78 3.51 6.25
N GLU B 258 -10.84 2.79 6.87
CA GLU B 258 -10.34 3.18 8.18
C GLU B 258 -9.68 4.55 8.15
N ASP B 259 -9.02 4.89 7.04
CA ASP B 259 -8.37 6.20 6.93
C ASP B 259 -9.45 7.27 7.05
N ALA B 260 -10.62 7.01 6.46
CA ALA B 260 -11.72 7.96 6.51
C ALA B 260 -12.09 8.26 7.96
N PHE B 261 -12.22 7.21 8.78
CA PHE B 261 -12.57 7.44 10.16
C PHE B 261 -11.49 8.25 10.87
N ASN B 262 -10.23 7.86 10.71
CA ASN B 262 -9.15 8.58 11.38
C ASN B 262 -9.08 10.04 10.95
N LEU B 263 -9.29 10.31 9.66
CA LEU B 263 -9.27 11.69 9.19
C LEU B 263 -10.41 12.50 9.82
N ALA B 264 -11.59 11.89 9.92
CA ALA B 264 -12.73 12.56 10.54
C ALA B 264 -12.47 12.78 12.02
N ARG B 265 -11.87 11.79 12.68
CA ARG B 265 -11.56 11.91 14.10
C ARG B 265 -10.60 13.07 14.36
N GLU B 266 -9.57 13.17 13.53
CA GLU B 266 -8.57 14.22 13.70
C GLU B 266 -9.00 15.59 13.24
N GLY B 267 -9.91 15.62 12.27
CA GLY B 267 -10.38 16.88 11.71
C GLY B 267 -9.43 17.31 10.60
N ALA B 268 -9.00 16.35 9.78
CA ALA B 268 -8.04 16.60 8.70
C ALA B 268 -8.59 17.20 7.40
N ALA B 269 -9.90 17.18 7.23
CA ALA B 269 -10.53 17.72 6.03
C ALA B 269 -12.03 17.85 6.24
N SER B 270 -12.64 18.86 5.60
CA SER B 270 -14.08 19.07 5.76
C SER B 270 -14.87 18.45 4.61
N VAL B 271 -14.15 17.89 3.62
CA VAL B 271 -14.77 17.24 2.46
C VAL B 271 -13.92 16.02 2.12
N PHE B 272 -14.55 14.90 1.77
CA PHE B 272 -13.84 13.69 1.40
C PHE B 272 -14.12 13.32 -0.04
N ALA B 273 -13.08 12.98 -0.80
CA ALA B 273 -13.27 12.52 -2.17
C ALA B 273 -13.61 11.03 -2.01
N LEU B 274 -14.58 10.55 -2.78
CA LEU B 274 -14.96 9.15 -2.73
C LEU B 274 -14.51 8.46 -4.02
N LYS B 275 -13.55 7.55 -3.91
CA LYS B 275 -13.04 6.83 -5.08
C LYS B 275 -13.15 5.33 -4.81
N ILE B 276 -13.91 4.61 -5.64
CA ILE B 276 -14.04 3.18 -5.42
C ILE B 276 -12.69 2.47 -5.45
N ALA B 277 -11.78 2.93 -6.29
CA ALA B 277 -10.46 2.29 -6.38
C ALA B 277 -9.66 2.38 -5.09
N LYS B 278 -9.79 3.51 -4.37
CA LYS B 278 -9.05 3.72 -3.12
C LYS B 278 -9.65 3.02 -1.91
N ASN B 279 -10.95 2.73 -1.95
CA ASN B 279 -11.63 2.07 -0.84
C ASN B 279 -11.81 0.58 -1.03
N GLY B 280 -11.76 0.12 -2.28
CA GLY B 280 -11.93 -1.30 -2.55
C GLY B 280 -13.29 -1.68 -3.13
N GLY B 281 -13.91 -0.76 -3.86
CA GLY B 281 -15.20 -1.07 -4.47
C GLY B 281 -16.33 -0.16 -4.03
N PRO B 282 -17.46 -0.17 -4.75
CA PRO B 282 -18.62 0.66 -4.42
C PRO B 282 -19.12 0.48 -2.98
N ARG B 283 -19.19 -0.76 -2.52
CA ARG B 283 -19.68 -1.00 -1.16
C ARG B 283 -18.78 -0.40 -0.09
N ALA B 284 -17.47 -0.60 -0.21
CA ALA B 284 -16.52 -0.04 0.75
C ALA B 284 -16.59 1.48 0.70
N THR B 285 -16.77 2.02 -0.50
CA THR B 285 -16.86 3.46 -0.68
C THR B 285 -18.08 4.02 0.04
N LEU B 286 -19.18 3.27 0.05
CA LEU B 286 -20.38 3.74 0.73
C LEU B 286 -20.21 3.70 2.26
N ARG B 287 -19.29 2.86 2.74
CA ARG B 287 -19.04 2.83 4.18
C ARG B 287 -18.23 4.09 4.50
N THR B 288 -17.30 4.43 3.61
CA THR B 288 -16.50 5.64 3.81
C THR B 288 -17.46 6.85 3.80
N ALA B 289 -18.43 6.83 2.90
CA ALA B 289 -19.41 7.91 2.82
C ALA B 289 -20.23 7.98 4.10
N ALA B 290 -20.59 6.82 4.65
CA ALA B 290 -21.38 6.77 5.89
C ALA B 290 -20.60 7.41 7.04
N ILE B 291 -19.30 7.14 7.10
CA ILE B 291 -18.47 7.71 8.14
C ILE B 291 -18.41 9.23 7.96
N ALA B 292 -18.18 9.68 6.74
CA ALA B 292 -18.11 11.11 6.47
C ALA B 292 -19.41 11.80 6.85
N GLU B 293 -20.54 11.24 6.42
CA GLU B 293 -21.85 11.82 6.73
C GLU B 293 -22.08 11.92 8.24
N ALA B 294 -21.71 10.86 8.96
CA ALA B 294 -21.90 10.84 10.40
C ALA B 294 -21.04 11.88 11.09
N ALA B 295 -19.96 12.28 10.43
CA ALA B 295 -19.04 13.28 10.99
C ALA B 295 -19.34 14.70 10.49
N GLY B 296 -20.33 14.83 9.61
CA GLY B 296 -20.68 16.14 9.08
C GLY B 296 -19.74 16.60 7.97
N ILE B 297 -19.03 15.64 7.37
CA ILE B 297 -18.08 15.93 6.31
C ILE B 297 -18.73 15.83 4.94
N GLY B 298 -18.45 16.80 4.07
CA GLY B 298 -19.03 16.82 2.74
C GLY B 298 -18.51 15.74 1.81
N LEU B 299 -19.29 15.39 0.79
CA LEU B 299 -18.90 14.35 -0.14
C LEU B 299 -18.65 14.83 -1.58
N TYR B 300 -17.74 14.14 -2.25
CA TYR B 300 -17.37 14.43 -3.63
C TYR B 300 -17.17 13.10 -4.35
N GLY B 301 -17.74 12.96 -5.54
CA GLY B 301 -17.58 11.73 -6.29
C GLY B 301 -16.29 11.79 -7.08
N GLY B 302 -15.27 11.07 -6.63
CA GLY B 302 -13.98 11.10 -7.30
C GLY B 302 -13.76 10.03 -8.35
N THR B 303 -12.67 10.18 -9.10
CA THR B 303 -12.33 9.21 -10.14
C THR B 303 -10.82 9.02 -10.26
N MET B 304 -10.42 7.89 -10.83
CA MET B 304 -9.02 7.60 -11.09
C MET B 304 -8.94 7.54 -12.62
N LEU B 305 -9.85 8.28 -13.26
CA LEU B 305 -9.95 8.35 -14.72
C LEU B 305 -10.39 7.04 -15.37
N GLU B 306 -11.29 6.34 -14.71
CA GLU B 306 -11.81 5.08 -15.23
C GLU B 306 -12.59 5.30 -16.51
N GLY B 307 -12.73 4.23 -17.29
CA GLY B 307 -13.50 4.29 -18.53
C GLY B 307 -14.96 4.16 -18.13
N GLY B 308 -15.81 3.80 -19.09
CA GLY B 308 -17.23 3.67 -18.79
C GLY B 308 -17.60 2.72 -17.68
N ILE B 309 -16.98 1.55 -17.64
CA ILE B 309 -17.30 0.56 -16.62
C ILE B 309 -17.03 1.05 -15.20
N GLY B 310 -15.81 1.49 -14.95
CA GLY B 310 -15.47 1.98 -13.62
C GLY B 310 -16.24 3.24 -13.26
N THR B 311 -16.48 4.10 -14.26
CA THR B 311 -17.21 5.32 -14.03
C THR B 311 -18.65 5.03 -13.61
N LEU B 312 -19.29 4.08 -14.27
CA LEU B 312 -20.66 3.75 -13.92
C LEU B 312 -20.73 2.98 -12.59
N ALA B 313 -19.70 2.19 -12.31
CA ALA B 313 -19.69 1.46 -11.04
C ALA B 313 -19.67 2.49 -9.93
N SER B 314 -18.91 3.57 -10.13
CA SER B 314 -18.83 4.64 -9.15
C SER B 314 -20.17 5.38 -9.09
N ALA B 315 -20.69 5.73 -10.26
CA ALA B 315 -21.94 6.46 -10.36
C ALA B 315 -23.10 5.78 -9.65
N HIS B 316 -23.26 4.47 -9.85
CA HIS B 316 -24.35 3.76 -9.22
C HIS B 316 -24.30 3.86 -7.70
N ALA B 317 -23.10 3.89 -7.14
CA ALA B 317 -22.98 4.04 -5.70
C ALA B 317 -23.37 5.47 -5.31
N PHE B 318 -22.89 6.44 -6.09
CA PHE B 318 -23.18 7.84 -5.79
C PHE B 318 -24.66 8.21 -5.91
N LEU B 319 -25.41 7.48 -6.73
CA LEU B 319 -26.84 7.76 -6.87
C LEU B 319 -27.60 7.51 -5.57
N THR B 320 -27.04 6.69 -4.69
CA THR B 320 -27.72 6.35 -3.43
C THR B 320 -27.44 7.31 -2.27
N LEU B 321 -26.47 8.21 -2.45
CA LEU B 321 -26.11 9.15 -1.39
C LEU B 321 -27.15 10.24 -1.19
N ASN B 322 -27.51 10.49 0.06
CA ASN B 322 -28.49 11.53 0.37
C ASN B 322 -28.05 12.85 -0.25
N LYS B 323 -26.78 13.18 -0.08
CA LYS B 323 -26.25 14.43 -0.61
C LYS B 323 -24.79 14.32 -1.04
N LEU B 324 -24.48 14.95 -2.18
CA LEU B 324 -23.14 15.02 -2.73
C LEU B 324 -22.89 16.51 -2.91
N SER B 325 -22.68 17.19 -1.77
CA SER B 325 -22.47 18.62 -1.73
C SER B 325 -21.44 19.19 -2.69
N TRP B 326 -20.37 18.44 -2.97
CA TRP B 326 -19.35 18.97 -3.85
C TRP B 326 -19.31 18.38 -5.26
N ASP B 327 -20.39 17.70 -5.64
CA ASP B 327 -20.53 17.13 -6.98
C ASP B 327 -19.58 15.98 -7.28
N THR B 328 -19.26 15.77 -8.57
CA THR B 328 -18.35 14.68 -8.95
C THR B 328 -17.42 15.10 -10.08
N GLU B 329 -16.43 14.23 -10.35
CA GLU B 329 -15.47 14.43 -11.42
C GLU B 329 -15.47 13.17 -12.28
N LEU B 330 -16.66 12.62 -12.52
CA LEU B 330 -16.79 11.41 -13.31
C LEU B 330 -16.76 11.67 -14.82
N PHE B 331 -15.64 12.22 -15.28
CA PHE B 331 -15.47 12.55 -16.70
C PHE B 331 -14.46 11.65 -17.40
N GLY B 332 -14.00 10.60 -16.71
CA GLY B 332 -13.04 9.69 -17.29
C GLY B 332 -13.32 9.25 -18.72
N PRO B 333 -14.54 8.77 -19.01
CA PRO B 333 -14.88 8.33 -20.37
C PRO B 333 -14.72 9.42 -21.44
N LEU B 334 -14.87 10.67 -21.03
CA LEU B 334 -14.76 11.79 -21.97
C LEU B 334 -13.34 12.07 -22.44
N LEU B 335 -12.36 11.41 -21.82
CA LEU B 335 -10.97 11.60 -22.22
C LEU B 335 -10.53 10.59 -23.27
N LEU B 336 -11.31 9.54 -23.42
CA LEU B 336 -11.00 8.47 -24.38
C LEU B 336 -11.55 8.74 -25.78
N THR B 337 -10.68 8.64 -26.79
CA THR B 337 -11.11 8.85 -28.17
C THR B 337 -11.92 7.62 -28.56
N GLU B 338 -11.71 6.53 -27.83
CA GLU B 338 -12.42 5.28 -28.03
C GLU B 338 -12.40 4.44 -26.75
N ASP B 339 -13.53 3.80 -26.44
CA ASP B 339 -13.65 2.96 -25.24
C ASP B 339 -13.93 1.55 -25.74
N ILE B 340 -14.07 0.60 -24.82
CA ILE B 340 -14.34 -0.77 -25.20
C ILE B 340 -15.82 -1.10 -25.03
N LEU B 341 -16.62 -0.06 -24.79
CA LEU B 341 -18.05 -0.23 -24.59
C LEU B 341 -18.81 0.02 -25.89
N ALA B 342 -19.87 -0.75 -26.10
CA ALA B 342 -20.68 -0.59 -27.30
C ALA B 342 -21.39 0.75 -27.25
N GLU B 343 -21.86 1.12 -26.07
CA GLU B 343 -22.56 2.38 -25.85
C GLU B 343 -21.93 3.12 -24.67
N PRO B 344 -21.37 4.31 -24.92
CA PRO B 344 -20.73 5.10 -23.86
C PRO B 344 -21.74 5.71 -22.88
N PRO B 345 -21.26 6.16 -21.72
CA PRO B 345 -22.15 6.77 -20.72
C PRO B 345 -22.78 8.04 -21.32
N VAL B 346 -23.93 8.44 -20.80
CA VAL B 346 -24.63 9.62 -21.31
C VAL B 346 -24.36 10.91 -20.54
N TYR B 347 -23.77 11.89 -21.22
CA TYR B 347 -23.48 13.19 -20.62
C TYR B 347 -24.32 14.25 -21.31
N ARG B 348 -25.04 15.04 -20.52
CA ARG B 348 -25.88 16.08 -21.06
C ARG B 348 -26.23 17.11 -20.00
N ASP B 349 -26.24 18.38 -20.39
CA ASP B 349 -26.58 19.47 -19.49
C ASP B 349 -25.90 19.40 -18.12
N PHE B 350 -24.58 19.43 -18.13
CA PHE B 350 -23.75 19.44 -16.92
C PHE B 350 -23.81 18.17 -16.07
N HIS B 351 -24.48 17.12 -16.55
CA HIS B 351 -24.60 15.89 -15.78
C HIS B 351 -24.30 14.60 -16.53
N LEU B 352 -24.09 13.54 -15.75
CA LEU B 352 -23.89 12.20 -16.27
C LEU B 352 -25.24 11.59 -15.93
N HIS B 353 -25.94 11.05 -16.92
CA HIS B 353 -27.24 10.46 -16.68
C HIS B 353 -27.14 8.95 -16.62
N VAL B 354 -27.51 8.39 -15.48
CA VAL B 354 -27.43 6.95 -15.26
C VAL B 354 -28.77 6.26 -15.44
N SER B 355 -28.79 5.27 -16.34
CA SER B 355 -30.01 4.52 -16.64
C SER B 355 -30.39 3.55 -15.53
N LYS B 356 -31.53 2.92 -15.70
CA LYS B 356 -32.03 1.95 -14.74
C LYS B 356 -31.87 0.53 -15.29
N ALA B 357 -30.98 0.38 -16.27
CA ALA B 357 -30.73 -0.93 -16.87
C ALA B 357 -30.13 -1.86 -15.81
N PRO B 358 -30.33 -3.18 -15.96
CA PRO B 358 -29.79 -4.14 -15.00
C PRO B 358 -28.26 -4.04 -14.88
N GLY B 359 -27.76 -4.29 -13.67
CA GLY B 359 -26.32 -4.22 -13.46
C GLY B 359 -25.78 -2.82 -13.71
N LEU B 360 -24.65 -2.73 -14.40
CA LEU B 360 -24.05 -1.45 -14.72
C LEU B 360 -24.61 -0.88 -16.03
N GLY B 361 -25.52 -1.63 -16.64
CA GLY B 361 -26.16 -1.18 -17.87
C GLY B 361 -25.24 -0.88 -19.04
N LEU B 362 -24.22 -1.71 -19.22
CA LEU B 362 -23.29 -1.50 -20.32
C LEU B 362 -22.87 -2.83 -20.92
N SER B 363 -22.47 -2.80 -22.19
CA SER B 363 -22.04 -4.01 -22.87
C SER B 363 -20.69 -3.79 -23.53
N LEU B 364 -19.94 -4.87 -23.64
CA LEU B 364 -18.63 -4.84 -24.23
C LEU B 364 -18.71 -4.88 -25.75
N ASP B 365 -17.87 -4.09 -26.42
CA ASP B 365 -17.81 -4.10 -27.86
C ASP B 365 -16.64 -5.05 -28.10
N GLU B 366 -16.97 -6.32 -28.37
CA GLU B 366 -15.94 -7.34 -28.56
C GLU B 366 -14.87 -6.99 -29.58
N GLU B 367 -15.26 -6.34 -30.67
CA GLU B 367 -14.29 -5.97 -31.70
C GLU B 367 -13.25 -4.98 -31.18
N ARG B 368 -13.70 -3.90 -30.55
CA ARG B 368 -12.79 -2.90 -30.02
C ARG B 368 -11.93 -3.47 -28.91
N LEU B 369 -12.49 -4.39 -28.11
CA LEU B 369 -11.72 -5.00 -27.04
C LEU B 369 -10.57 -5.80 -27.62
N ALA B 370 -10.89 -6.60 -28.65
CA ALA B 370 -9.89 -7.42 -29.30
C ALA B 370 -8.79 -6.57 -29.94
N PHE B 371 -9.18 -5.39 -30.41
CA PHE B 371 -8.25 -4.48 -31.05
C PHE B 371 -7.34 -3.71 -30.09
N PHE B 372 -7.88 -3.31 -28.94
CA PHE B 372 -7.10 -2.53 -27.98
C PHE B 372 -6.46 -3.30 -26.84
N ARG B 373 -6.87 -4.54 -26.61
CA ARG B 373 -6.28 -5.32 -25.53
C ARG B 373 -4.80 -5.55 -25.81
N ARG B 374 -3.98 -5.30 -24.80
CA ARG B 374 -2.54 -5.46 -24.92
C ARG B 374 -2.20 -6.90 -25.29
N GLU B 375 -3.00 -7.83 -24.78
CA GLU B 375 -2.82 -9.24 -25.04
C GLU B 375 -3.86 -10.06 -24.28
MG MG C . 5.30 -8.58 13.89
MG MG D . -7.13 14.33 -6.21
#